data_6QM1
# 
_entry.id   6QM1 
# 
_audit_conform.dict_name       mmcif_pdbx.dic 
_audit_conform.dict_version    5.398 
_audit_conform.dict_location   http://mmcif.pdb.org/dictionaries/ascii/mmcif_pdbx.dic 
# 
loop_
_database_2.database_id 
_database_2.database_code 
_database_2.pdbx_database_accession 
_database_2.pdbx_DOI 
PDB   6QM1         pdb_00006qm1 10.2210/pdb6qm1/pdb 
WWPDB D_1292100264 ?            ?                   
BMRB  34360        ?            10.13018/BMR34360   
# 
loop_
_pdbx_audit_revision_history.ordinal 
_pdbx_audit_revision_history.data_content_type 
_pdbx_audit_revision_history.major_revision 
_pdbx_audit_revision_history.minor_revision 
_pdbx_audit_revision_history.revision_date 
1 'Structure model' 1 0 2019-09-11 
2 'Structure model' 1 1 2019-10-02 
3 'Structure model' 1 2 2023-06-14 
4 'Structure model' 1 3 2024-11-13 
# 
_pdbx_audit_revision_details.ordinal             1 
_pdbx_audit_revision_details.revision_ordinal    1 
_pdbx_audit_revision_details.data_content_type   'Structure model' 
_pdbx_audit_revision_details.provider            repository 
_pdbx_audit_revision_details.type                'Initial release' 
_pdbx_audit_revision_details.description         ? 
_pdbx_audit_revision_details.details             ? 
# 
loop_
_pdbx_audit_revision_group.ordinal 
_pdbx_audit_revision_group.revision_ordinal 
_pdbx_audit_revision_group.data_content_type 
_pdbx_audit_revision_group.group 
1 2 'Structure model' 'Data collection'      
2 2 'Structure model' 'Database references'  
3 3 'Structure model' 'Database references'  
4 3 'Structure model' 'Derived calculations' 
5 3 'Structure model' Other                  
6 4 'Structure model' 'Data collection'      
7 4 'Structure model' 'Database references'  
8 4 'Structure model' 'Structure summary'    
# 
loop_
_pdbx_audit_revision_category.ordinal 
_pdbx_audit_revision_category.revision_ordinal 
_pdbx_audit_revision_category.data_content_type 
_pdbx_audit_revision_category.category 
1  2 'Structure model' citation                  
2  2 'Structure model' citation_author           
3  3 'Structure model' database_2                
4  3 'Structure model' pdbx_database_status      
5  3 'Structure model' struct_conn               
6  4 'Structure model' chem_comp_atom            
7  4 'Structure model' chem_comp_bond            
8  4 'Structure model' database_2                
9  4 'Structure model' pdbx_entry_details        
10 4 'Structure model' pdbx_modification_feature 
# 
loop_
_pdbx_audit_revision_item.ordinal 
_pdbx_audit_revision_item.revision_ordinal 
_pdbx_audit_revision_item.data_content_type 
_pdbx_audit_revision_item.item 
1  2 'Structure model' '_citation.journal_volume'                   
2  2 'Structure model' '_citation.page_first'                       
3  2 'Structure model' '_citation.page_last'                        
4  2 'Structure model' '_citation_author.identifier_ORCID'          
5  3 'Structure model' '_database_2.pdbx_DOI'                       
6  3 'Structure model' '_database_2.pdbx_database_accession'        
7  3 'Structure model' '_pdbx_database_status.status_code_nmr_data' 
8  3 'Structure model' '_struct_conn.pdbx_dist_value'               
9  3 'Structure model' '_struct_conn.pdbx_leaving_atom_flag'        
10 3 'Structure model' '_struct_conn.ptnr1_label_atom_id'           
11 3 'Structure model' '_struct_conn.ptnr2_auth_comp_id'            
12 3 'Structure model' '_struct_conn.ptnr2_auth_seq_id'             
13 3 'Structure model' '_struct_conn.ptnr2_label_atom_id'           
14 3 'Structure model' '_struct_conn.ptnr2_label_comp_id'           
15 3 'Structure model' '_struct_conn.ptnr2_label_seq_id'            
16 4 'Structure model' '_database_2.pdbx_DOI'                       
# 
_pdbx_database_status.status_code                     REL 
_pdbx_database_status.status_code_sf                  ? 
_pdbx_database_status.status_code_mr                  REL 
_pdbx_database_status.entry_id                        6QM1 
_pdbx_database_status.recvd_initial_deposition_date   2019-02-01 
_pdbx_database_status.SG_entry                        N 
_pdbx_database_status.deposit_site                    PDBE 
_pdbx_database_status.process_site                    PDBE 
_pdbx_database_status.status_code_cs                  REL 
_pdbx_database_status.methods_development_category    ? 
_pdbx_database_status.pdb_format_compatible           Y 
_pdbx_database_status.status_code_nmr_data            REL 
# 
loop_
_pdbx_database_related.db_name 
_pdbx_database_related.details 
_pdbx_database_related.db_id 
_pdbx_database_related.content_type 
PDB  'DMSO solution NMR of the full length WT peptide in complex with lipid II'                                     1WCO  
unspecified 
BMRB 'Solution NMR of synthetic analogues of nisin and mutacin ring A and ring B - Nisin Ring B (Lan8,11) analogue' 34360 
unspecified 
# 
loop_
_audit_author.name 
_audit_author.pdbx_ordinal 
_audit_author.identifier_ORCID 
'Dickman, R.'    1 0000-0003-3139-5423 
'Mitchell, S.A.' 2 ?                   
'Figueiredo, A.' 3 0000-0001-7039-5341 
'Hansen, D.F.'   4 0000-0003-0891-220X 
'Tabor, A.B.'    5 0000-0001-8216-0347 
# 
loop_
_citation.abstract 
_citation.abstract_id_CAS 
_citation.book_id_ISBN 
_citation.book_publisher 
_citation.book_publisher_city 
_citation.book_title 
_citation.coordinate_linkage 
_citation.country 
_citation.database_id_Medline 
_citation.details 
_citation.id 
_citation.journal_abbrev 
_citation.journal_id_ASTM 
_citation.journal_id_CSD 
_citation.journal_id_ISSN 
_citation.journal_full 
_citation.journal_issue 
_citation.journal_volume 
_citation.language 
_citation.page_first 
_citation.page_last 
_citation.title 
_citation.year 
_citation.database_id_CSD 
_citation.pdbx_database_id_DOI 
_citation.pdbx_database_id_PubMed 
_citation.unpublished_flag 
? ? ? ? ? ? ? US ? ? primary J.Org.Chem.       JOCEAH 0035 0022-3263 ? ? 84 ? 11493 11512 
;Molecular Recognition of Lipid II by Lantibiotics: Synthesis and Conformational Studies of Analogues of Nisin and Mutacin Rings A and B.
;
2019 ? 10.1021/acs.joc.9b01253 31464129 ? 
? ? ? ? ? ? ? ?  ? ? 1       'To Be Published' ?      0353 ?         ? ? ?  ? ?     ?     
;A chemical biology approach to understanding molecular recognition of lipid II by nisin: Solid-phase synthesis and NMR ensemble analysis of nisin(1-12) and a synthetic ana-logue.
;
?    ? ?                       ?        ? 
# 
loop_
_citation_author.citation_id 
_citation_author.name 
_citation_author.ordinal 
_citation_author.identifier_ORCID 
primary 'Dickman, R.'      1  ?                   
primary 'Mitchell, S.A.'   2  ?                   
primary 'Figueiredo, A.M.' 3  ?                   
primary 'Hansen, D.F.'     4  ?                   
primary 'Tabor, A.B.'      5  ?                   
1       'Dickman, R.'      6  0000-0003-3139-5423 
1       'Danelius, E.'     7  0000-0002-7322-9661 
1       'Mitchell, S.A.'   8  ?                   
1       'Hansen, D.F.'     9  0000-0003-0891-220X 
1       'Erdelyi, M.'      10 0000-0003-0359-5970 
1       'Tabor, A.B.'      11 0000-0001-8216-0347 
# 
_entity.id                         1 
_entity.type                       polymer 
_entity.src_method                 syn 
_entity.pdbx_description           DAL-PRO-GLY-CYS-LYS 
_entity.formula_weight             475.582 
_entity.pdbx_number_of_molecules   1 
_entity.pdbx_ec                    ? 
_entity.pdbx_mutation              ? 
_entity.pdbx_fragment              ? 
_entity.details                    ? 
# 
_entity_poly.entity_id                      1 
_entity_poly.type                           'polypeptide(L)' 
_entity_poly.nstd_linkage                   no 
_entity_poly.nstd_monomer                   yes 
_entity_poly.pdbx_seq_one_letter_code       '(DAL)PGCK' 
_entity_poly.pdbx_seq_one_letter_code_can   APGCK 
_entity_poly.pdbx_strand_id                 A 
_entity_poly.pdbx_target_identifier         ? 
# 
loop_
_entity_poly_seq.entity_id 
_entity_poly_seq.num 
_entity_poly_seq.mon_id 
_entity_poly_seq.hetero 
1 1 DAL n 
1 2 PRO n 
1 3 GLY n 
1 4 CYS n 
1 5 LYS n 
# 
_pdbx_entity_src_syn.entity_id              1 
_pdbx_entity_src_syn.pdbx_src_id            1 
_pdbx_entity_src_syn.pdbx_alt_source_flag   sample 
_pdbx_entity_src_syn.pdbx_beg_seq_num       1 
_pdbx_entity_src_syn.pdbx_end_seq_num       5 
_pdbx_entity_src_syn.organism_scientific    'Lactococcus lactis' 
_pdbx_entity_src_syn.organism_common_name   ? 
_pdbx_entity_src_syn.ncbi_taxonomy_id       1358 
_pdbx_entity_src_syn.details                ? 
# 
loop_
_chem_comp.id 
_chem_comp.type 
_chem_comp.mon_nstd_flag 
_chem_comp.name 
_chem_comp.pdbx_synonyms 
_chem_comp.formula 
_chem_comp.formula_weight 
CYS 'L-peptide linking' y CYSTEINE  ? 'C3 H7 N O2 S'   121.158 
DAL 'D-peptide linking' . D-ALANINE ? 'C3 H7 N O2'     89.093  
GLY 'peptide linking'   y GLYCINE   ? 'C2 H5 N O2'     75.067  
LYS 'L-peptide linking' y LYSINE    ? 'C6 H15 N2 O2 1' 147.195 
PRO 'L-peptide linking' y PROLINE   ? 'C5 H9 N O2'     115.130 
# 
loop_
_pdbx_poly_seq_scheme.asym_id 
_pdbx_poly_seq_scheme.entity_id 
_pdbx_poly_seq_scheme.seq_id 
_pdbx_poly_seq_scheme.mon_id 
_pdbx_poly_seq_scheme.ndb_seq_num 
_pdbx_poly_seq_scheme.pdb_seq_num 
_pdbx_poly_seq_scheme.auth_seq_num 
_pdbx_poly_seq_scheme.pdb_mon_id 
_pdbx_poly_seq_scheme.auth_mon_id 
_pdbx_poly_seq_scheme.pdb_strand_id 
_pdbx_poly_seq_scheme.pdb_ins_code 
_pdbx_poly_seq_scheme.hetero 
A 1 1 DAL 1 1 1 DAL DAL A . n 
A 1 2 PRO 2 2 2 PRO PRO A . n 
A 1 3 GLY 3 3 3 GLY GLY A . n 
A 1 4 CYS 4 4 4 CYS CYS A . n 
A 1 5 LYS 5 5 5 LYS LYS A . n 
# 
_exptl.absorpt_coefficient_mu     ? 
_exptl.absorpt_correction_T_max   ? 
_exptl.absorpt_correction_T_min   ? 
_exptl.absorpt_correction_type    ? 
_exptl.absorpt_process_details    ? 
_exptl.entry_id                   6QM1 
_exptl.crystals_number            ? 
_exptl.details                    ? 
_exptl.method                     'SOLUTION NMR' 
_exptl.method_details             ? 
# 
_struct.entry_id                     6QM1 
_struct.title                        
'Solution NMR of synthetic analogues of nisin and mutacin ring A and ring B - Nisin Ring B (Lan8,11) analogue' 
_struct.pdbx_model_details           ? 
_struct.pdbx_formula_weight          ? 
_struct.pdbx_formula_weight_method   ? 
_struct.pdbx_model_type_details      ? 
_struct.pdbx_CASP_flag               N 
# 
_struct_keywords.entry_id        6QM1 
_struct_keywords.text            'PEPTIDE ANTIBIOTIC, LANTIBIOTIC, ANTIMICROBIAL, BACTERIOCIN, THIOESTER, ANTIBIOTIC' 
_struct_keywords.pdbx_keywords   ANTIBIOTIC 
# 
_struct_asym.id                            A 
_struct_asym.pdbx_blank_PDB_chainid_flag   N 
_struct_asym.pdbx_modified                 N 
_struct_asym.entity_id                     1 
_struct_asym.details                       ? 
# 
_struct_ref.id                         1 
_struct_ref.db_name                    PDB 
_struct_ref.db_code                    6QM1 
_struct_ref.pdbx_db_accession          6QM1 
_struct_ref.pdbx_db_isoform            ? 
_struct_ref.entity_id                  1 
_struct_ref.pdbx_seq_one_letter_code   ? 
_struct_ref.pdbx_align_begin           1 
# 
_struct_ref_seq.align_id                      1 
_struct_ref_seq.ref_id                        1 
_struct_ref_seq.pdbx_PDB_id_code              6QM1 
_struct_ref_seq.pdbx_strand_id                A 
_struct_ref_seq.seq_align_beg                 1 
_struct_ref_seq.pdbx_seq_align_beg_ins_code   ? 
_struct_ref_seq.seq_align_end                 5 
_struct_ref_seq.pdbx_seq_align_end_ins_code   ? 
_struct_ref_seq.pdbx_db_accession             6QM1 
_struct_ref_seq.db_align_beg                  1 
_struct_ref_seq.pdbx_db_align_beg_ins_code    ? 
_struct_ref_seq.db_align_end                  5 
_struct_ref_seq.pdbx_db_align_end_ins_code    ? 
_struct_ref_seq.pdbx_auth_seq_align_beg       1 
_struct_ref_seq.pdbx_auth_seq_align_end       5 
# 
_pdbx_struct_assembly.id                   1 
_pdbx_struct_assembly.details              author_and_software_defined_assembly 
_pdbx_struct_assembly.method_details       PISA 
_pdbx_struct_assembly.oligomeric_details   monomeric 
_pdbx_struct_assembly.oligomeric_count     1 
# 
loop_
_pdbx_struct_assembly_prop.biol_id 
_pdbx_struct_assembly_prop.type 
_pdbx_struct_assembly_prop.value 
_pdbx_struct_assembly_prop.details 
1 'ABSA (A^2)' 0   ? 
1 MORE         0   ? 
1 'SSA (A^2)'  640 ? 
# 
_pdbx_struct_assembly_gen.assembly_id       1 
_pdbx_struct_assembly_gen.oper_expression   1 
_pdbx_struct_assembly_gen.asym_id_list      A 
# 
_pdbx_struct_assembly_auth_evidence.id                     1 
_pdbx_struct_assembly_auth_evidence.assembly_id            1 
_pdbx_struct_assembly_auth_evidence.experimental_support   none 
_pdbx_struct_assembly_auth_evidence.details                ? 
# 
_pdbx_struct_oper_list.id                   1 
_pdbx_struct_oper_list.type                 'identity operation' 
_pdbx_struct_oper_list.name                 1_555 
_pdbx_struct_oper_list.symmetry_operation   ? 
_pdbx_struct_oper_list.matrix[1][1]         1.0000000000 
_pdbx_struct_oper_list.matrix[1][2]         0.0000000000 
_pdbx_struct_oper_list.matrix[1][3]         0.0000000000 
_pdbx_struct_oper_list.vector[1]            0.0000000000 
_pdbx_struct_oper_list.matrix[2][1]         0.0000000000 
_pdbx_struct_oper_list.matrix[2][2]         1.0000000000 
_pdbx_struct_oper_list.matrix[2][3]         0.0000000000 
_pdbx_struct_oper_list.vector[2]            0.0000000000 
_pdbx_struct_oper_list.matrix[3][1]         0.0000000000 
_pdbx_struct_oper_list.matrix[3][2]         0.0000000000 
_pdbx_struct_oper_list.matrix[3][3]         1.0000000000 
_pdbx_struct_oper_list.vector[3]            0.0000000000 
# 
loop_
_struct_conn.id 
_struct_conn.conn_type_id 
_struct_conn.pdbx_leaving_atom_flag 
_struct_conn.pdbx_PDB_id 
_struct_conn.ptnr1_label_asym_id 
_struct_conn.ptnr1_label_comp_id 
_struct_conn.ptnr1_label_seq_id 
_struct_conn.ptnr1_label_atom_id 
_struct_conn.pdbx_ptnr1_label_alt_id 
_struct_conn.pdbx_ptnr1_PDB_ins_code 
_struct_conn.pdbx_ptnr1_standard_comp_id 
_struct_conn.ptnr1_symmetry 
_struct_conn.ptnr2_label_asym_id 
_struct_conn.ptnr2_label_comp_id 
_struct_conn.ptnr2_label_seq_id 
_struct_conn.ptnr2_label_atom_id 
_struct_conn.pdbx_ptnr2_label_alt_id 
_struct_conn.pdbx_ptnr2_PDB_ins_code 
_struct_conn.ptnr1_auth_asym_id 
_struct_conn.ptnr1_auth_comp_id 
_struct_conn.ptnr1_auth_seq_id 
_struct_conn.ptnr2_auth_asym_id 
_struct_conn.ptnr2_auth_comp_id 
_struct_conn.ptnr2_auth_seq_id 
_struct_conn.ptnr2_symmetry 
_struct_conn.pdbx_ptnr3_label_atom_id 
_struct_conn.pdbx_ptnr3_label_seq_id 
_struct_conn.pdbx_ptnr3_label_comp_id 
_struct_conn.pdbx_ptnr3_label_asym_id 
_struct_conn.pdbx_ptnr3_label_alt_id 
_struct_conn.pdbx_ptnr3_PDB_ins_code 
_struct_conn.details 
_struct_conn.pdbx_dist_value 
_struct_conn.pdbx_value_order 
_struct_conn.pdbx_role 
covale1 covale both ? A DAL 1 C  ? ? ? 1_555 A PRO 2 N  ? ? A DAL 1 A PRO 2 1_555 ? ? ? ? ? ? ? 1.308 ? ? 
covale2 covale none ? A DAL 1 CB ? ? ? 1_555 A CYS 4 SG ? ? A DAL 1 A CYS 4 1_555 ? ? ? ? ? ? ? 1.813 ? ? 
# 
_struct_conn_type.id          covale 
_struct_conn_type.criteria    ? 
_struct_conn_type.reference   ? 
# 
_pdbx_modification_feature.ordinal                            1 
_pdbx_modification_feature.label_comp_id                      DAL 
_pdbx_modification_feature.label_asym_id                      A 
_pdbx_modification_feature.label_seq_id                       1 
_pdbx_modification_feature.label_alt_id                       ? 
_pdbx_modification_feature.modified_residue_label_comp_id     CYS 
_pdbx_modification_feature.modified_residue_label_asym_id     A 
_pdbx_modification_feature.modified_residue_label_seq_id      4 
_pdbx_modification_feature.modified_residue_label_alt_id      ? 
_pdbx_modification_feature.auth_comp_id                       DAL 
_pdbx_modification_feature.auth_asym_id                       A 
_pdbx_modification_feature.auth_seq_id                        1 
_pdbx_modification_feature.PDB_ins_code                       ? 
_pdbx_modification_feature.symmetry                           1_555 
_pdbx_modification_feature.modified_residue_auth_comp_id      CYS 
_pdbx_modification_feature.modified_residue_auth_asym_id      A 
_pdbx_modification_feature.modified_residue_auth_seq_id       4 
_pdbx_modification_feature.modified_residue_PDB_ins_code      ? 
_pdbx_modification_feature.modified_residue_symmetry          1_555 
_pdbx_modification_feature.comp_id_linking_atom               CB 
_pdbx_modification_feature.modified_residue_id_linking_atom   SG 
_pdbx_modification_feature.modified_residue_id                . 
_pdbx_modification_feature.ref_pcm_id                         . 
_pdbx_modification_feature.ref_comp_id                        . 
_pdbx_modification_feature.type                               None 
_pdbx_modification_feature.category                           'Non-standard linkage' 
# 
loop_
_struct_mon_prot_cis.pdbx_id 
_struct_mon_prot_cis.label_comp_id 
_struct_mon_prot_cis.label_seq_id 
_struct_mon_prot_cis.label_asym_id 
_struct_mon_prot_cis.label_alt_id 
_struct_mon_prot_cis.pdbx_PDB_ins_code 
_struct_mon_prot_cis.auth_comp_id 
_struct_mon_prot_cis.auth_seq_id 
_struct_mon_prot_cis.auth_asym_id 
_struct_mon_prot_cis.pdbx_label_comp_id_2 
_struct_mon_prot_cis.pdbx_label_seq_id_2 
_struct_mon_prot_cis.pdbx_label_asym_id_2 
_struct_mon_prot_cis.pdbx_PDB_ins_code_2 
_struct_mon_prot_cis.pdbx_auth_comp_id_2 
_struct_mon_prot_cis.pdbx_auth_seq_id_2 
_struct_mon_prot_cis.pdbx_auth_asym_id_2 
_struct_mon_prot_cis.pdbx_PDB_model_num 
_struct_mon_prot_cis.pdbx_omega_angle 
1  DAL 1 A . ? DAL 1 A PRO 2 A ? PRO 2 A 1  -0.38 
2  DAL 1 A . ? DAL 1 A PRO 2 A ? PRO 2 A 2  -0.38 
3  DAL 1 A . ? DAL 1 A PRO 2 A ? PRO 2 A 3  -0.23 
4  DAL 1 A . ? DAL 1 A PRO 2 A ? PRO 2 A 4  -0.28 
5  DAL 1 A . ? DAL 1 A PRO 2 A ? PRO 2 A 5  -0.14 
6  DAL 1 A . ? DAL 1 A PRO 2 A ? PRO 2 A 6  -0.39 
7  DAL 1 A . ? DAL 1 A PRO 2 A ? PRO 2 A 7  -0.22 
8  DAL 1 A . ? DAL 1 A PRO 2 A ? PRO 2 A 8  -0.36 
9  DAL 1 A . ? DAL 1 A PRO 2 A ? PRO 2 A 9  -0.30 
10 DAL 1 A . ? DAL 1 A PRO 2 A ? PRO 2 A 10 -0.37 
11 DAL 1 A . ? DAL 1 A PRO 2 A ? PRO 2 A 11 -0.16 
12 DAL 1 A . ? DAL 1 A PRO 2 A ? PRO 2 A 12 -0.25 
13 DAL 1 A . ? DAL 1 A PRO 2 A ? PRO 2 A 13 -0.32 
14 DAL 1 A . ? DAL 1 A PRO 2 A ? PRO 2 A 14 -0.34 
15 DAL 1 A . ? DAL 1 A PRO 2 A ? PRO 2 A 15 -0.27 
# 
_pdbx_entry_details.entry_id                   6QM1 
_pdbx_entry_details.compound_details           ? 
_pdbx_entry_details.source_details             ? 
_pdbx_entry_details.nonpolymer_details         ? 
_pdbx_entry_details.sequence_details           ? 
_pdbx_entry_details.has_ligand_of_interest     ? 
_pdbx_entry_details.has_protein_modification   Y 
# 
loop_
_pdbx_validate_torsion.id 
_pdbx_validate_torsion.PDB_model_num 
_pdbx_validate_torsion.auth_comp_id 
_pdbx_validate_torsion.auth_asym_id 
_pdbx_validate_torsion.auth_seq_id 
_pdbx_validate_torsion.PDB_ins_code 
_pdbx_validate_torsion.label_alt_id 
_pdbx_validate_torsion.phi 
_pdbx_validate_torsion.psi 
1  1  CYS A 4 ? ? -30.61 138.75 
2  2  CYS A 4 ? ? -30.76 103.14 
3  3  CYS A 4 ? ? -29.65 139.42 
4  4  CYS A 4 ? ? -33.19 91.82  
5  5  CYS A 4 ? ? -38.00 95.39  
6  6  CYS A 4 ? ? -35.15 85.63  
7  7  CYS A 4 ? ? -32.31 89.80  
8  8  CYS A 4 ? ? -39.66 110.59 
9  9  CYS A 4 ? ? -30.11 87.32  
10 10 CYS A 4 ? ? -33.57 113.40 
11 11 CYS A 4 ? ? -37.85 136.99 
12 12 CYS A 4 ? ? -33.22 115.04 
13 13 CYS A 4 ? ? -29.60 104.90 
14 14 CYS A 4 ? ? -36.07 147.22 
15 15 CYS A 4 ? ? -35.37 95.89  
# 
_pdbx_nmr_ensemble.entry_id                                      6QM1 
_pdbx_nmr_ensemble.conformers_calculated_total_number            100 
_pdbx_nmr_ensemble.conformers_submitted_total_number             15 
_pdbx_nmr_ensemble.conformer_selection_criteria                  'structures with the lowest energy' 
_pdbx_nmr_ensemble.representative_conformer                      ? 
_pdbx_nmr_ensemble.average_constraints_per_residue               ? 
_pdbx_nmr_ensemble.average_constraint_violations_per_residue     ? 
_pdbx_nmr_ensemble.maximum_distance_constraint_violation         ? 
_pdbx_nmr_ensemble.average_distance_constraint_violation         ? 
_pdbx_nmr_ensemble.maximum_upper_distance_constraint_violation   ? 
_pdbx_nmr_ensemble.maximum_lower_distance_constraint_violation   ? 
_pdbx_nmr_ensemble.distance_constraint_violation_method          ? 
_pdbx_nmr_ensemble.maximum_torsion_angle_constraint_violation    ? 
_pdbx_nmr_ensemble.average_torsion_angle_constraint_violation    ? 
_pdbx_nmr_ensemble.torsion_angle_constraint_violation_method     ? 
# 
_pdbx_nmr_representative.entry_id             6QM1 
_pdbx_nmr_representative.conformer_id         1 
_pdbx_nmr_representative.selection_criteria   'closest to the average' 
# 
_pdbx_nmr_sample_details.solution_id      1 
_pdbx_nmr_sample_details.contents         '2.0 mg/mL NA- Nisin Ring B (Lan8,11) analogue, DMSO' 
_pdbx_nmr_sample_details.solvent_system   DMSO 
_pdbx_nmr_sample_details.label            sample_1 
_pdbx_nmr_sample_details.type             'lyophilized powder' 
_pdbx_nmr_sample_details.details          'HPLC purified peptide (TFA salt) was dissolved directly in DMSO' 
# 
_pdbx_nmr_exptl_sample.solution_id           1 
_pdbx_nmr_exptl_sample.component             'Nisin Ring B (Lan8,11) analogue' 
_pdbx_nmr_exptl_sample.concentration         2.0 
_pdbx_nmr_exptl_sample.concentration_range   ? 
_pdbx_nmr_exptl_sample.concentration_units   mg/mL 
_pdbx_nmr_exptl_sample.isotopic_labeling     NA- 
# 
_pdbx_nmr_exptl_sample_conditions.conditions_id          1 
_pdbx_nmr_exptl_sample_conditions.temperature            298 
_pdbx_nmr_exptl_sample_conditions.pressure_units         atm 
_pdbx_nmr_exptl_sample_conditions.pressure               1 
_pdbx_nmr_exptl_sample_conditions.pH                     5.0 
_pdbx_nmr_exptl_sample_conditions.ionic_strength         'TFA salt' 
_pdbx_nmr_exptl_sample_conditions.details                ? 
_pdbx_nmr_exptl_sample_conditions.ionic_strength_err     ? 
_pdbx_nmr_exptl_sample_conditions.ionic_strength_units   'Not defined' 
_pdbx_nmr_exptl_sample_conditions.label                  DMSO_rt 
_pdbx_nmr_exptl_sample_conditions.pH_err                 ? 
_pdbx_nmr_exptl_sample_conditions.pH_units               pH 
_pdbx_nmr_exptl_sample_conditions.pressure_err           ? 
_pdbx_nmr_exptl_sample_conditions.temperature_err        ? 
_pdbx_nmr_exptl_sample_conditions.temperature_units      K 
# 
loop_
_pdbx_nmr_exptl.experiment_id 
_pdbx_nmr_exptl.conditions_id 
_pdbx_nmr_exptl.solution_id 
_pdbx_nmr_exptl.type 
_pdbx_nmr_exptl.spectrometer_id 
_pdbx_nmr_exptl.sample_state 
1 1 1 '2D 1H-1H COSY'  1 isotropic 
2 1 1 '2D 1H-13C HSQC' 1 isotropic 
4 1 1 '2D 1H-1H NOESY' 1 isotropic 
5 1 1 '2D 1H-13C HMBC' 1 isotropic 
# 
_pdbx_nmr_refine.entry_id           6QM1 
_pdbx_nmr_refine.method             'simulated annealing' 
_pdbx_nmr_refine.details            ? 
_pdbx_nmr_refine.software_ordinal   2 
# 
loop_
_pdbx_nmr_software.ordinal 
_pdbx_nmr_software.classification 
_pdbx_nmr_software.name 
_pdbx_nmr_software.version 
_pdbx_nmr_software.authors 
1 'structure calculation'     Xplor-NIH         2.45 'Schwieters, Kuszewski, Tjandra and Clore' 
2 refinement                  Xplor-NIH         2.45 'Schwieters, Kuszewski, Tjandra and Clore' 
3 'chemical shift assignment' 'CcpNmr Analysis' ?    CCPN                                       
4 'peak picking'              'CcpNmr Analysis' ?    CCPN                                       
# 
loop_
_chem_comp_atom.comp_id 
_chem_comp_atom.atom_id 
_chem_comp_atom.type_symbol 
_chem_comp_atom.pdbx_aromatic_flag 
_chem_comp_atom.pdbx_stereo_config 
_chem_comp_atom.pdbx_ordinal 
CYS N   N N N 1  
CYS CA  C N R 2  
CYS C   C N N 3  
CYS O   O N N 4  
CYS CB  C N N 5  
CYS SG  S N N 6  
CYS OXT O N N 7  
CYS H   H N N 8  
CYS H2  H N N 9  
CYS HA  H N N 10 
CYS HB2 H N N 11 
CYS HB3 H N N 12 
CYS HG  H N N 13 
CYS HXT H N N 14 
DAL N   N N N 15 
DAL CA  C N R 16 
DAL CB  C N N 17 
DAL C   C N N 18 
DAL O   O N N 19 
DAL OXT O N N 20 
DAL H   H N N 21 
DAL H2  H N N 22 
DAL HA  H N N 23 
DAL HB1 H N N 24 
DAL HB2 H N N 25 
DAL HB3 H N N 26 
DAL HXT H N N 27 
GLY N   N N N 28 
GLY CA  C N N 29 
GLY C   C N N 30 
GLY O   O N N 31 
GLY OXT O N N 32 
GLY H   H N N 33 
GLY H2  H N N 34 
GLY HA2 H N N 35 
GLY HA3 H N N 36 
GLY HXT H N N 37 
LYS N   N N N 38 
LYS CA  C N S 39 
LYS C   C N N 40 
LYS O   O N N 41 
LYS CB  C N N 42 
LYS CG  C N N 43 
LYS CD  C N N 44 
LYS CE  C N N 45 
LYS NZ  N N N 46 
LYS OXT O N N 47 
LYS H   H N N 48 
LYS H2  H N N 49 
LYS HA  H N N 50 
LYS HB2 H N N 51 
LYS HB3 H N N 52 
LYS HG2 H N N 53 
LYS HG3 H N N 54 
LYS HD2 H N N 55 
LYS HD3 H N N 56 
LYS HE2 H N N 57 
LYS HE3 H N N 58 
LYS HZ1 H N N 59 
LYS HZ2 H N N 60 
LYS HZ3 H N N 61 
LYS HXT H N N 62 
PRO N   N N N 63 
PRO CA  C N S 64 
PRO C   C N N 65 
PRO O   O N N 66 
PRO CB  C N N 67 
PRO CG  C N N 68 
PRO CD  C N N 69 
PRO OXT O N N 70 
PRO H   H N N 71 
PRO HA  H N N 72 
PRO HB2 H N N 73 
PRO HB3 H N N 74 
PRO HG2 H N N 75 
PRO HG3 H N N 76 
PRO HD2 H N N 77 
PRO HD3 H N N 78 
PRO HXT H N N 79 
# 
loop_
_chem_comp_bond.comp_id 
_chem_comp_bond.atom_id_1 
_chem_comp_bond.atom_id_2 
_chem_comp_bond.value_order 
_chem_comp_bond.pdbx_aromatic_flag 
_chem_comp_bond.pdbx_stereo_config 
_chem_comp_bond.pdbx_ordinal 
CYS N   CA  sing N N 1  
CYS N   H   sing N N 2  
CYS N   H2  sing N N 3  
CYS CA  C   sing N N 4  
CYS CA  CB  sing N N 5  
CYS CA  HA  sing N N 6  
CYS C   O   doub N N 7  
CYS C   OXT sing N N 8  
CYS CB  SG  sing N N 9  
CYS CB  HB2 sing N N 10 
CYS CB  HB3 sing N N 11 
CYS SG  HG  sing N N 12 
CYS OXT HXT sing N N 13 
DAL N   CA  sing N N 14 
DAL N   H   sing N N 15 
DAL N   H2  sing N N 16 
DAL CA  CB  sing N N 17 
DAL CA  C   sing N N 18 
DAL CA  HA  sing N N 19 
DAL CB  HB1 sing N N 20 
DAL CB  HB2 sing N N 21 
DAL CB  HB3 sing N N 22 
DAL C   O   doub N N 23 
DAL C   OXT sing N N 24 
DAL OXT HXT sing N N 25 
GLY N   CA  sing N N 26 
GLY N   H   sing N N 27 
GLY N   H2  sing N N 28 
GLY CA  C   sing N N 29 
GLY CA  HA2 sing N N 30 
GLY CA  HA3 sing N N 31 
GLY C   O   doub N N 32 
GLY C   OXT sing N N 33 
GLY OXT HXT sing N N 34 
LYS N   CA  sing N N 35 
LYS N   H   sing N N 36 
LYS N   H2  sing N N 37 
LYS CA  C   sing N N 38 
LYS CA  CB  sing N N 39 
LYS CA  HA  sing N N 40 
LYS C   O   doub N N 41 
LYS C   OXT sing N N 42 
LYS CB  CG  sing N N 43 
LYS CB  HB2 sing N N 44 
LYS CB  HB3 sing N N 45 
LYS CG  CD  sing N N 46 
LYS CG  HG2 sing N N 47 
LYS CG  HG3 sing N N 48 
LYS CD  CE  sing N N 49 
LYS CD  HD2 sing N N 50 
LYS CD  HD3 sing N N 51 
LYS CE  NZ  sing N N 52 
LYS CE  HE2 sing N N 53 
LYS CE  HE3 sing N N 54 
LYS NZ  HZ1 sing N N 55 
LYS NZ  HZ2 sing N N 56 
LYS NZ  HZ3 sing N N 57 
LYS OXT HXT sing N N 58 
PRO N   CA  sing N N 59 
PRO N   CD  sing N N 60 
PRO N   H   sing N N 61 
PRO CA  C   sing N N 62 
PRO CA  CB  sing N N 63 
PRO CA  HA  sing N N 64 
PRO C   O   doub N N 65 
PRO C   OXT sing N N 66 
PRO CB  CG  sing N N 67 
PRO CB  HB2 sing N N 68 
PRO CB  HB3 sing N N 69 
PRO CG  CD  sing N N 70 
PRO CG  HG2 sing N N 71 
PRO CG  HG3 sing N N 72 
PRO CD  HD2 sing N N 73 
PRO CD  HD3 sing N N 74 
PRO OXT HXT sing N N 75 
# 
_pdbx_audit_support.funding_organization   'Engineering and Physical Sciences Research Council' 
_pdbx_audit_support.country                'United Kingdom' 
_pdbx_audit_support.grant_number           EP/L504889/1 
_pdbx_audit_support.ordinal                1 
# 
_pdbx_nmr_spectrometer.spectrometer_id   1 
_pdbx_nmr_spectrometer.model             AVANCE 
_pdbx_nmr_spectrometer.type              ? 
_pdbx_nmr_spectrometer.manufacturer      Bruker 
_pdbx_nmr_spectrometer.field_strength    600 
_pdbx_nmr_spectrometer.details           ? 
# 
_atom_sites.entry_id                    6QM1 
_atom_sites.fract_transf_matrix[1][1]   1.000000 
_atom_sites.fract_transf_matrix[1][2]   0.000000 
_atom_sites.fract_transf_matrix[1][3]   0.000000 
_atom_sites.fract_transf_matrix[2][1]   0.000000 
_atom_sites.fract_transf_matrix[2][2]   1.000000 
_atom_sites.fract_transf_matrix[2][3]   0.000000 
_atom_sites.fract_transf_matrix[3][1]   0.000000 
_atom_sites.fract_transf_matrix[3][2]   0.000000 
_atom_sites.fract_transf_matrix[3][3]   1.000000 
_atom_sites.fract_transf_vector[1]      0.00000 
_atom_sites.fract_transf_vector[2]      0.00000 
_atom_sites.fract_transf_vector[3]      0.00000 
# 
loop_
_atom_type.symbol 
C 
H 
N 
O 
S 
# 
loop_
_atom_site.group_PDB 
_atom_site.id 
_atom_site.type_symbol 
_atom_site.label_atom_id 
_atom_site.label_alt_id 
_atom_site.label_comp_id 
_atom_site.label_asym_id 
_atom_site.label_entity_id 
_atom_site.label_seq_id 
_atom_site.pdbx_PDB_ins_code 
_atom_site.Cartn_x 
_atom_site.Cartn_y 
_atom_site.Cartn_z 
_atom_site.occupancy 
_atom_site.B_iso_or_equiv 
_atom_site.pdbx_formal_charge 
_atom_site.auth_seq_id 
_atom_site.auth_comp_id 
_atom_site.auth_asym_id 
_atom_site.auth_atom_id 
_atom_site.pdbx_PDB_model_num 
HETATM 1   N N   . DAL A 1 1 ? 1.121  1.565   -3.887 1.00 0.00 1 1 DAL A N   1  
HETATM 2   C CA  . DAL A 1 1 ? 0.108  1.566   -2.794 1.00 0.00 ? 1 DAL A CA  1  
HETATM 3   C CB  . DAL A 1 1 ? -1.202 0.976   -3.319 1.00 0.00 ? 1 DAL A CB  1  
HETATM 4   C C   . DAL A 1 1 ? -0.116 3.002   -2.317 1.00 0.00 ? 1 DAL A C   1  
HETATM 5   O O   . DAL A 1 1 ? -0.990 3.702   -2.826 1.00 0.00 ? 1 DAL A O   1  
HETATM 6   H H2  . DAL A 1 1 ? 1.442  2.539   -4.063 1.00 0.00 ? 1 DAL A H2  1  
HETATM 7   H H   . DAL A 1 1 ? 1.932  0.977   -3.609 1.00 0.00 ? 1 DAL A H   1  
HETATM 8   H H3  . DAL A 1 1 ? 0.696  1.178   -4.753 1.00 0.00 ? 1 DAL A H3  1  
HETATM 9   H HA  . DAL A 1 1 ? 0.467  0.965   -1.975 1.00 0.00 ? 1 DAL A HA  1  
HETATM 10  H HB1 . DAL A 1 1 ? -0.993 0.082   -3.887 1.00 0.00 ? 1 DAL A HB1 1  
HETATM 11  H HB2 . DAL A 1 1 ? -1.694 1.699   -3.953 1.00 0.00 ? 1 DAL A HB2 1  
ATOM   12  N N   . PRO A 1 2 ? 0.659  3.448   -1.362 1.00 0.00 ? 2 PRO A N   1  
ATOM   13  C CA  . PRO A 1 2 ? 1.725  2.627   -0.726 1.00 0.00 ? 2 PRO A CA  1  
ATOM   14  C C   . PRO A 1 2 ? 1.176  1.742   0.387  1.00 0.00 ? 2 PRO A C   1  
ATOM   15  O O   . PRO A 1 2 ? 1.457  0.545   0.427  1.00 0.00 ? 2 PRO A O   1  
ATOM   16  C CB  . PRO A 1 2 ? 2.690  3.678   -0.184 1.00 0.00 ? 2 PRO A CB  1  
ATOM   17  C CG  . PRO A 1 2 ? 1.833  4.860   0.144  1.00 0.00 ? 2 PRO A CG  1  
ATOM   18  C CD  . PRO A 1 2 ? 0.608  4.800   -0.781 1.00 0.00 ? 2 PRO A CD  1  
ATOM   19  H HA  . PRO A 1 2 ? 2.222  2.024   -1.463 1.00 0.00 ? 2 PRO A HA  1  
ATOM   20  H HB2 . PRO A 1 2 ? 3.189  3.310   0.703  1.00 0.00 ? 2 PRO A HB2 1  
ATOM   21  H HB3 . PRO A 1 2 ? 3.414  3.947   -0.939 1.00 0.00 ? 2 PRO A HB3 1  
ATOM   22  H HG2 . PRO A 1 2 ? 1.520  4.811   1.179  1.00 0.00 ? 2 PRO A HG2 1  
ATOM   23  H HG3 . PRO A 1 2 ? 2.377  5.772   -0.036 1.00 0.00 ? 2 PRO A HG3 1  
ATOM   24  H HD2 . PRO A 1 2 ? -0.301 4.936   -0.212 1.00 0.00 ? 2 PRO A HD2 1  
ATOM   25  H HD3 . PRO A 1 2 ? 0.684  5.543   -1.560 1.00 0.00 ? 2 PRO A HD3 1  
ATOM   26  N N   . GLY A 1 3 ? 0.380  2.324   1.281  1.00 0.00 ? 3 GLY A N   1  
ATOM   27  C CA  . GLY A 1 3 ? -0.199 1.539   2.361  1.00 0.00 ? 3 GLY A CA  1  
ATOM   28  C C   . GLY A 1 3 ? -0.528 0.144   1.838  1.00 0.00 ? 3 GLY A C   1  
ATOM   29  O O   . GLY A 1 3 ? -0.219 -0.862  2.478  1.00 0.00 ? 3 GLY A O   1  
ATOM   30  H H   . GLY A 1 3 ? 0.170  3.278   1.205  1.00 0.00 ? 3 GLY A H   1  
ATOM   31  H HA2 . GLY A 1 3 ? 0.512  1.470   3.186  1.00 0.00 ? 3 GLY A HA2 1  
ATOM   32  H HA3 . GLY A 1 3 ? -1.106 2.014   2.707  1.00 0.00 ? 3 GLY A HA3 1  
ATOM   33  N N   . CYS A 1 4 ? -1.149 0.092   0.653  1.00 0.00 ? 4 CYS A N   1  
ATOM   34  C CA  . CYS A 1 4 ? -1.500 -1.178  0.039  1.00 0.00 ? 4 CYS A CA  1  
ATOM   35  C C   . CYS A 1 4 ? -0.496 -2.256  0.436  1.00 0.00 ? 4 CYS A C   1  
ATOM   36  O O   . CYS A 1 4 ? 0.708  -2.008  0.485  1.00 0.00 ? 4 CYS A O   1  
ATOM   37  C CB  . CYS A 1 4 ? -1.521 -1.025  -1.485 1.00 0.00 ? 4 CYS A CB  1  
ATOM   38  S SG  . CYS A 1 4 ? -2.282 0.563   -1.922 1.00 0.00 ? 4 CYS A SG  1  
ATOM   39  H H   . CYS A 1 4 ? -1.369 0.923   0.179  1.00 0.00 ? 4 CYS A H   1  
ATOM   40  H HA  . CYS A 1 4 ? -2.478 -1.468  0.374  1.00 0.00 ? 4 CYS A HA  1  
ATOM   41  H HB2 . CYS A 1 4 ? -0.511 -1.057  -1.866 1.00 0.00 ? 4 CYS A HB2 1  
ATOM   42  H HB3 . CYS A 1 4 ? -2.095 -1.830  -1.919 1.00 0.00 ? 4 CYS A HB3 1  
ATOM   43  N N   . LYS A 1 5 ? -0.999 -3.450  0.723  1.00 0.00 ? 5 LYS A N   1  
ATOM   44  C CA  . LYS A 1 5 ? -0.134 -4.554  1.120  1.00 0.00 ? 5 LYS A CA  1  
ATOM   45  C C   . LYS A 1 5 ? -0.378 -5.772  0.234  1.00 0.00 ? 5 LYS A C   1  
ATOM   46  O O   . LYS A 1 5 ? 0.105  -6.837  0.581  1.00 0.00 ? 5 LYS A O   1  
ATOM   47  C CB  . LYS A 1 5 ? -0.398 -4.921  2.580  1.00 0.00 ? 5 LYS A CB  1  
ATOM   48  C CG  . LYS A 1 5 ? -1.679 -5.752  2.668  1.00 0.00 ? 5 LYS A CG  1  
ATOM   49  C CD  . LYS A 1 5 ? -2.155 -5.814  4.121  1.00 0.00 ? 5 LYS A CD  1  
ATOM   50  C CE  . LYS A 1 5 ? -3.640 -5.449  4.187  1.00 0.00 ? 5 LYS A CE  1  
ATOM   51  N NZ  . LYS A 1 5 ? -4.448 -6.558  3.605  1.00 0.00 1 5 LYS A NZ  1  
ATOM   52  O OXT . LYS A 1 5 ? -1.046 -5.620  -0.775 1.00 0.00 ? 5 LYS A OXT 1  
ATOM   53  H H   . LYS A 1 5 ? -1.967 -3.591  0.671  1.00 0.00 ? 5 LYS A H   1  
ATOM   54  H HA  . LYS A 1 5 ? 0.896  -4.247  1.017  1.00 0.00 ? 5 LYS A HA  1  
ATOM   55  H HB2 . LYS A 1 5 ? 0.433  -5.495  2.964  1.00 0.00 ? 5 LYS A HB2 1  
ATOM   56  H HB3 . LYS A 1 5 ? -0.514 -4.020  3.161  1.00 0.00 ? 5 LYS A HB3 1  
ATOM   57  H HG2 . LYS A 1 5 ? -2.445 -5.296  2.057  1.00 0.00 ? 5 LYS A HG2 1  
ATOM   58  H HG3 . LYS A 1 5 ? -1.484 -6.752  2.313  1.00 0.00 ? 5 LYS A HG3 1  
ATOM   59  H HD2 . LYS A 1 5 ? -2.013 -6.815  4.503  1.00 0.00 ? 5 LYS A HD2 1  
ATOM   60  H HD3 . LYS A 1 5 ? -1.588 -5.117  4.719  1.00 0.00 ? 5 LYS A HD3 1  
ATOM   61  H HE2 . LYS A 1 5 ? -3.927 -5.296  5.217  1.00 0.00 ? 5 LYS A HE2 1  
ATOM   62  H HE3 . LYS A 1 5 ? -3.813 -4.544  3.625  1.00 0.00 ? 5 LYS A HE3 1  
ATOM   63  H HZ1 . LYS A 1 5 ? -5.391 -6.567  4.045  1.00 0.00 ? 5 LYS A HZ1 1  
ATOM   64  H HZ2 . LYS A 1 5 ? -3.972 -7.465  3.785  1.00 0.00 ? 5 LYS A HZ2 1  
ATOM   65  H HZ3 . LYS A 1 5 ? -4.548 -6.413  2.581  1.00 0.00 ? 5 LYS A HZ3 1  
HETATM 66  N N   . DAL A 1 1 ? 1.050  1.742   -3.881 1.00 0.00 1 1 DAL A N   2  
HETATM 67  C CA  . DAL A 1 1 ? 0.042  1.707   -2.784 1.00 0.00 ? 1 DAL A CA  2  
HETATM 68  C CB  . DAL A 1 1 ? -1.289 1.199   -3.340 1.00 0.00 ? 1 DAL A CB  2  
HETATM 69  C C   . DAL A 1 1 ? -0.132 3.112   -2.209 1.00 0.00 ? 1 DAL A C   2  
HETATM 70  O O   . DAL A 1 1 ? -1.003 3.866   -2.642 1.00 0.00 ? 1 DAL A O   2  
HETATM 71  H H2  . DAL A 1 1 ? 1.465  0.796   -4.001 1.00 0.00 ? 1 DAL A H2  2  
HETATM 72  H H   . DAL A 1 1 ? 0.592  2.037   -4.765 1.00 0.00 ? 1 DAL A H   2  
HETATM 73  H H3  . DAL A 1 1 ? 1.801  2.420   -3.639 1.00 0.00 ? 1 DAL A H3  2  
HETATM 74  H HA  . DAL A 1 1 ? 0.383  1.038   -2.008 1.00 0.00 ? 1 DAL A HA  2  
HETATM 75  H HB1 . DAL A 1 1 ? -1.109 0.357   -3.991 1.00 0.00 ? 1 DAL A HB1 2  
HETATM 76  H HB2 . DAL A 1 1 ? -1.770 1.989   -3.899 1.00 0.00 ? 1 DAL A HB2 2  
ATOM   77  N N   . PRO A 1 2 ? 0.685  3.471   -1.253 1.00 0.00 ? 2 PRO A N   2  
ATOM   78  C CA  . PRO A 1 2 ? 1.745  2.581   -0.714 1.00 0.00 ? 2 PRO A CA  2  
ATOM   79  C C   . PRO A 1 2 ? 1.206  1.626   0.343  1.00 0.00 ? 2 PRO A C   2  
ATOM   80  O O   . PRO A 1 2 ? 1.466  0.423   0.289  1.00 0.00 ? 2 PRO A O   2  
ATOM   81  C CB  . PRO A 1 2 ? 2.754  3.563   -0.126 1.00 0.00 ? 2 PRO A CB  2  
ATOM   82  C CG  . PRO A 1 2 ? 1.943  4.744   0.305  1.00 0.00 ? 2 PRO A CG  2  
ATOM   83  C CD  . PRO A 1 2 ? 0.690  4.779   -0.581 1.00 0.00 ? 2 PRO A CD  2  
ATOM   84  H HA  . PRO A 1 2 ? 2.203  2.021   -1.510 1.00 0.00 ? 2 PRO A HA  2  
ATOM   85  H HB2 . PRO A 1 2 ? 3.262  3.119   0.721  1.00 0.00 ? 2 PRO A HB2 2  
ATOM   86  H HB3 . PRO A 1 2 ? 3.469  3.865   -0.878 1.00 0.00 ? 2 PRO A HB3 2  
ATOM   87  H HG2 . PRO A 1 2 ? 1.661  4.635   1.345  1.00 0.00 ? 2 PRO A HG2 2  
ATOM   88  H HG3 . PRO A 1 2 ? 2.509  5.651   0.168  1.00 0.00 ? 2 PRO A HG3 2  
ATOM   89  H HD2 . PRO A 1 2 ? -0.198 4.899   0.027  1.00 0.00 ? 2 PRO A HD2 2  
ATOM   90  H HD3 . PRO A 1 2 ? 0.762  5.572   -1.308 1.00 0.00 ? 2 PRO A HD3 2  
ATOM   91  N N   . GLY A 1 3 ? 0.439  2.152   1.295  1.00 0.00 ? 3 GLY A N   2  
ATOM   92  C CA  . GLY A 1 3 ? -0.129 1.298   2.327  1.00 0.00 ? 3 GLY A CA  2  
ATOM   93  C C   . GLY A 1 3 ? -0.502 -0.045  1.707  1.00 0.00 ? 3 GLY A C   2  
ATOM   94  O O   . GLY A 1 3 ? -0.203 -1.103  2.262  1.00 0.00 ? 3 GLY A O   2  
ATOM   95  H H   . GLY A 1 3 ? 0.244  3.112   1.292  1.00 0.00 ? 3 GLY A H   2  
ATOM   96  H HA2 . GLY A 1 3 ? 0.601  1.152   3.124  1.00 0.00 ? 3 GLY A HA2 2  
ATOM   97  H HA3 . GLY A 1 3 ? -1.016 1.763   2.730  1.00 0.00 ? 3 GLY A HA3 2  
ATOM   98  N N   . CYS A 1 4 ? -1.149 0.007   0.536  1.00 0.00 ? 4 CYS A N   2  
ATOM   99  C CA  . CYS A 1 4 ? -1.544 -1.203  -0.165 1.00 0.00 ? 4 CYS A CA  2  
ATOM   100 C C   . CYS A 1 4 ? -0.562 -2.332  0.117  1.00 0.00 ? 4 CYS A C   2  
ATOM   101 O O   . CYS A 1 4 ? 0.538  -2.366  -0.436 1.00 0.00 ? 4 CYS A O   2  
ATOM   102 C CB  . CYS A 1 4 ? -1.603 -0.934  -1.673 1.00 0.00 ? 4 CYS A CB  2  
ATOM   103 S SG  . CYS A 1 4 ? -2.360 0.686   -1.969 1.00 0.00 ? 4 CYS A SG  2  
ATOM   104 H H   . CYS A 1 4 ? -1.359 0.877   0.131  1.00 0.00 ? 4 CYS A H   2  
ATOM   105 H HA  . CYS A 1 4 ? -2.521 -1.497  0.175  1.00 0.00 ? 4 CYS A HA  2  
ATOM   106 H HB2 . CYS A 1 4 ? -0.602 -0.944  -2.079 1.00 0.00 ? 4 CYS A HB2 2  
ATOM   107 H HB3 . CYS A 1 4 ? -2.194 -1.701  -2.152 1.00 0.00 ? 4 CYS A HB3 2  
ATOM   108 N N   . LYS A 1 5 ? -0.965 -3.253  0.983  1.00 0.00 ? 5 LYS A N   2  
ATOM   109 C CA  . LYS A 1 5 ? -0.115 -4.382  1.337  1.00 0.00 ? 5 LYS A CA  2  
ATOM   110 C C   . LYS A 1 5 ? -0.543 -5.635  0.578  1.00 0.00 ? 5 LYS A C   2  
ATOM   111 O O   . LYS A 1 5 ? -1.737 -5.840  0.440  1.00 0.00 ? 5 LYS A O   2  
ATOM   112 C CB  . LYS A 1 5 ? -0.194 -4.643  2.842  1.00 0.00 ? 5 LYS A CB  2  
ATOM   113 C CG  . LYS A 1 5 ? 0.855  -5.684  3.233  1.00 0.00 ? 5 LYS A CG  2  
ATOM   114 C CD  . LYS A 1 5 ? 0.613  -6.136  4.675  1.00 0.00 ? 5 LYS A CD  2  
ATOM   115 C CE  . LYS A 1 5 ? 1.361  -5.208  5.634  1.00 0.00 ? 5 LYS A CE  2  
ATOM   116 N NZ  . LYS A 1 5 ? 0.814  -3.827  5.514  1.00 0.00 1 5 LYS A NZ  2  
ATOM   117 O OXT . LYS A 1 5 ? 0.331  -6.369  0.146  1.00 0.00 ? 5 LYS A OXT 2  
ATOM   118 H H   . LYS A 1 5 ? -1.852 -3.172  1.392  1.00 0.00 ? 5 LYS A H   2  
ATOM   119 H HA  . LYS A 1 5 ? 0.906  -4.147  1.078  1.00 0.00 ? 5 LYS A HA  2  
ATOM   120 H HB2 . LYS A 1 5 ? -0.007 -3.723  3.377  1.00 0.00 ? 5 LYS A HB2 2  
ATOM   121 H HB3 . LYS A 1 5 ? -1.176 -5.013  3.093  1.00 0.00 ? 5 LYS A HB3 2  
ATOM   122 H HG2 . LYS A 1 5 ? 0.782  -6.534  2.571  1.00 0.00 ? 5 LYS A HG2 2  
ATOM   123 H HG3 . LYS A 1 5 ? 1.841  -5.249  3.156  1.00 0.00 ? 5 LYS A HG3 2  
ATOM   124 H HD2 . LYS A 1 5 ? -0.445 -6.101  4.890  1.00 0.00 ? 5 LYS A HD2 2  
ATOM   125 H HD3 . LYS A 1 5 ? 0.972  -7.146  4.801  1.00 0.00 ? 5 LYS A HD3 2  
ATOM   126 H HE2 . LYS A 1 5 ? 1.233  -5.559  6.647  1.00 0.00 ? 5 LYS A HE2 2  
ATOM   127 H HE3 . LYS A 1 5 ? 2.411  -5.202  5.385  1.00 0.00 ? 5 LYS A HE3 2  
ATOM   128 H HZ1 . LYS A 1 5 ? 1.436  -3.259  4.906  1.00 0.00 ? 5 LYS A HZ1 2  
ATOM   129 H HZ2 . LYS A 1 5 ? 0.760  -3.393  6.458  1.00 0.00 ? 5 LYS A HZ2 2  
ATOM   130 H HZ3 . LYS A 1 5 ? -0.136 -3.865  5.095  1.00 0.00 ? 5 LYS A HZ3 2  
HETATM 131 N N   . DAL A 1 1 ? 1.145  1.608   -3.886 1.00 0.00 1 1 DAL A N   3  
HETATM 132 C CA  . DAL A 1 1 ? 0.125  1.565   -2.801 1.00 0.00 ? 1 DAL A CA  3  
HETATM 133 C CB  . DAL A 1 1 ? -1.155 0.922   -3.337 1.00 0.00 ? 1 DAL A CB  3  
HETATM 134 C C   . DAL A 1 1 ? -0.165 2.987   -2.322 1.00 0.00 ? 1 DAL A C   3  
HETATM 135 O O   . DAL A 1 1 ? -1.073 3.648   -2.827 1.00 0.00 ? 1 DAL A O   3  
HETATM 136 H H2  . DAL A 1 1 ? 1.284  2.593   -4.192 1.00 0.00 ? 1 DAL A H2  3  
HETATM 137 H H   . DAL A 1 1 ? 2.044  1.224   -3.534 1.00 0.00 ? 1 DAL A H   3  
HETATM 138 H H3  . DAL A 1 1 ? 0.819  1.038   -4.692 1.00 0.00 ? 1 DAL A H3  3  
HETATM 139 H HA  . DAL A 1 1 ? 0.502  0.976   -1.980 1.00 0.00 ? 1 DAL A HA  3  
HETATM 140 H HB1 . DAL A 1 1 ? -0.907 0.021   -3.877 1.00 0.00 ? 1 DAL A HB1 3  
HETATM 141 H HB2 . DAL A 1 1 ? -1.654 1.614   -4.000 1.00 0.00 ? 1 DAL A HB2 3  
ATOM   142 N N   . PRO A 1 2 ? 0.590  3.465   -1.365 1.00 0.00 ? 2 PRO A N   3  
ATOM   143 C CA  . PRO A 1 2 ? 1.693  2.694   -0.736 1.00 0.00 ? 2 PRO A CA  3  
ATOM   144 C C   . PRO A 1 2 ? 1.193  1.786   0.382  1.00 0.00 ? 2 PRO A C   3  
ATOM   145 O O   . PRO A 1 2 ? 1.533  0.604   0.427  1.00 0.00 ? 2 PRO A O   3  
ATOM   146 C CB  . PRO A 1 2 ? 2.615  3.788   -0.201 1.00 0.00 ? 2 PRO A CB  3  
ATOM   147 C CG  . PRO A 1 2 ? 1.710  4.932   0.128  1.00 0.00 ? 2 PRO A CG  3  
ATOM   148 C CD  . PRO A 1 2 ? 0.476  4.809   -0.779 1.00 0.00 ? 2 PRO A CD  3  
ATOM   149 H HA  . PRO A 1 2 ? 2.211  2.111   -1.475 1.00 0.00 ? 2 PRO A HA  3  
ATOM   150 H HB2 . PRO A 1 2 ? 3.132  3.444   0.685  1.00 0.00 ? 2 PRO A HB2 3  
ATOM   151 H HB3 . PRO A 1 2 ? 3.323  4.085   -0.960 1.00 0.00 ? 2 PRO A HB3 3  
ATOM   152 H HG2 . PRO A 1 2 ? 1.414  4.881   1.167  1.00 0.00 ? 2 PRO A HG2 3  
ATOM   153 H HG3 . PRO A 1 2 ? 2.210  5.867   -0.070 1.00 0.00 ? 2 PRO A HG3 3  
ATOM   154 H HD2 . PRO A 1 2 ? -0.430 4.895   -0.196 1.00 0.00 ? 2 PRO A HD2 3  
ATOM   155 H HD3 . PRO A 1 2 ? 0.501  5.558   -1.557 1.00 0.00 ? 2 PRO A HD3 3  
ATOM   156 N N   . GLY A 1 3 ? 0.369  2.331   1.273  1.00 0.00 ? 3 GLY A N   3  
ATOM   157 C CA  . GLY A 1 3 ? -0.170 1.528   2.359  1.00 0.00 ? 3 GLY A CA  3  
ATOM   158 C C   . GLY A 1 3 ? -0.498 0.133   1.835  1.00 0.00 ? 3 GLY A C   3  
ATOM   159 O O   . GLY A 1 3 ? -0.193 -0.871  2.480  1.00 0.00 ? 3 GLY A O   3  
ATOM   160 H H   . GLY A 1 3 ? 0.113  3.274   1.190  1.00 0.00 ? 3 GLY A H   3  
ATOM   161 H HA2 . GLY A 1 3 ? 0.565  1.460   3.164  1.00 0.00 ? 3 GLY A HA2 3  
ATOM   162 H HA3 . GLY A 1 3 ? -1.071 1.989   2.734  1.00 0.00 ? 3 GLY A HA3 3  
ATOM   163 N N   . CYS A 1 4 ? -1.117 0.078   0.649  1.00 0.00 ? 4 CYS A N   3  
ATOM   164 C CA  . CYS A 1 4 ? -1.471 -1.192  0.040  1.00 0.00 ? 4 CYS A CA  3  
ATOM   165 C C   . CYS A 1 4 ? -0.490 -2.283  0.457  1.00 0.00 ? 4 CYS A C   3  
ATOM   166 O O   . CYS A 1 4 ? 0.716  -2.052  0.531  1.00 0.00 ? 4 CYS A O   3  
ATOM   167 C CB  . CYS A 1 4 ? -1.468 -1.053  -1.486 1.00 0.00 ? 4 CYS A CB  3  
ATOM   168 S SG  . CYS A 1 4 ? -2.250 0.514   -1.952 1.00 0.00 ? 4 CYS A SG  3  
ATOM   169 H H   . CYS A 1 4 ? -1.335 0.909   0.173  1.00 0.00 ? 4 CYS A H   3  
ATOM   170 H HA  . CYS A 1 4 ? -2.459 -1.468  0.361  1.00 0.00 ? 4 CYS A HA  3  
ATOM   171 H HB2 . CYS A 1 4 ? -0.452 -1.071  -1.848 1.00 0.00 ? 4 CYS A HB2 3  
ATOM   172 H HB3 . CYS A 1 4 ? -2.020 -1.873  -1.923 1.00 0.00 ? 4 CYS A HB3 3  
ATOM   173 N N   . LYS A 1 5 ? -1.018 -3.474  0.728  1.00 0.00 ? 5 LYS A N   3  
ATOM   174 C CA  . LYS A 1 5 ? -0.177 -4.594  1.138  1.00 0.00 ? 5 LYS A CA  3  
ATOM   175 C C   . LYS A 1 5 ? 0.802  -4.964  0.029  1.00 0.00 ? 5 LYS A C   3  
ATOM   176 O O   . LYS A 1 5 ? 0.549  -5.941  -0.656 1.00 0.00 ? 5 LYS A O   3  
ATOM   177 C CB  . LYS A 1 5 ? -1.051 -5.804  1.473  1.00 0.00 ? 5 LYS A CB  3  
ATOM   178 C CG  . LYS A 1 5 ? -2.313 -5.779  0.609  1.00 0.00 ? 5 LYS A CG  3  
ATOM   179 C CD  . LYS A 1 5 ? -3.457 -5.132  1.393  1.00 0.00 ? 5 LYS A CD  3  
ATOM   180 C CE  . LYS A 1 5 ? -4.254 -6.217  2.123  1.00 0.00 ? 5 LYS A CE  3  
ATOM   181 N NZ  . LYS A 1 5 ? -3.373 -6.900  3.112  1.00 0.00 1 5 LYS A NZ  3  
ATOM   182 O OXT . LYS A 1 5 ? 1.790  -4.263  -0.118 1.00 0.00 ? 5 LYS A OXT 3  
ATOM   183 H H   . LYS A 1 5 ? -1.985 -3.600  0.652  1.00 0.00 ? 5 LYS A H   3  
ATOM   184 H HA  . LYS A 1 5 ? 0.378  -4.312  2.018  1.00 0.00 ? 5 LYS A HA  3  
ATOM   185 H HB2 . LYS A 1 5 ? -0.498 -6.712  1.278  1.00 0.00 ? 5 LYS A HB2 3  
ATOM   186 H HB3 . LYS A 1 5 ? -1.330 -5.770  2.515  1.00 0.00 ? 5 LYS A HB3 3  
ATOM   187 H HG2 . LYS A 1 5 ? -2.123 -5.209  -0.288 1.00 0.00 ? 5 LYS A HG2 3  
ATOM   188 H HG3 . LYS A 1 5 ? -2.588 -6.788  0.342  1.00 0.00 ? 5 LYS A HG3 3  
ATOM   189 H HD2 . LYS A 1 5 ? -3.051 -4.437  2.113  1.00 0.00 ? 5 LYS A HD2 3  
ATOM   190 H HD3 . LYS A 1 5 ? -4.109 -4.607  0.712  1.00 0.00 ? 5 LYS A HD3 3  
ATOM   191 H HE2 . LYS A 1 5 ? -5.089 -5.765  2.636  1.00 0.00 ? 5 LYS A HE2 3  
ATOM   192 H HE3 . LYS A 1 5 ? -4.618 -6.939  1.406  1.00 0.00 ? 5 LYS A HE3 3  
ATOM   193 H HZ1 . LYS A 1 5 ? -3.955 -7.328  3.857  1.00 0.00 ? 5 LYS A HZ1 3  
ATOM   194 H HZ2 . LYS A 1 5 ? -2.724 -6.204  3.535  1.00 0.00 ? 5 LYS A HZ2 3  
ATOM   195 H HZ3 . LYS A 1 5 ? -2.823 -7.641  2.633  1.00 0.00 ? 5 LYS A HZ3 3  
HETATM 196 N N   . DAL A 1 1 ? 1.021  1.748   -3.906 1.00 0.00 1 1 DAL A N   4  
HETATM 197 C CA  . DAL A 1 1 ? 0.041  1.722   -2.783 1.00 0.00 ? 1 DAL A CA  4  
HETATM 198 C CB  . DAL A 1 1 ? -1.317 1.255   -3.309 1.00 0.00 ? 1 DAL A CB  4  
HETATM 199 C C   . DAL A 1 1 ? -0.081 3.122   -2.185 1.00 0.00 ? 1 DAL A C   4  
HETATM 200 O O   . DAL A 1 1 ? -0.927 3.913   -2.603 1.00 0.00 ? 1 DAL A O   4  
HETATM 201 H H2  . DAL A 1 1 ? 0.702  1.103   -4.659 1.00 0.00 ? 1 DAL A H2  4  
HETATM 202 H H   . DAL A 1 1 ? 1.090  2.715   -4.282 1.00 0.00 ? 1 DAL A H   4  
HETATM 203 H H3  . DAL A 1 1 ? 1.954  1.445   -3.561 1.00 0.00 ? 1 DAL A H3  4  
HETATM 204 H HA  . DAL A 1 1 ? 0.385  1.035   -2.027 1.00 0.00 ? 1 DAL A HA  4  
HETATM 205 H HB1 . DAL A 1 1 ? -1.178 0.398   -3.952 1.00 0.00 ? 1 DAL A HB1 4  
HETATM 206 H HB2 . DAL A 1 1 ? -1.778 2.055   -3.870 1.00 0.00 ? 1 DAL A HB2 4  
ATOM   207 N N   . PRO A 1 2 ? 0.748  3.440   -1.224 1.00 0.00 ? 2 PRO A N   4  
ATOM   208 C CA  . PRO A 1 2 ? 1.780  2.508   -0.699 1.00 0.00 ? 2 PRO A CA  4  
ATOM   209 C C   . PRO A 1 2 ? 1.211  1.554   0.345  1.00 0.00 ? 2 PRO A C   4  
ATOM   210 O O   . PRO A 1 2 ? 1.436  0.347   0.275  1.00 0.00 ? 2 PRO A O   4  
ATOM   211 C CB  . PRO A 1 2 ? 2.818  3.451   -0.093 1.00 0.00 ? 2 PRO A CB  4  
ATOM   212 C CG  . PRO A 1 2 ? 2.043  4.651   0.354  1.00 0.00 ? 2 PRO A CG  4  
ATOM   213 C CD  . PRO A 1 2 ? 0.794  4.738   -0.533 1.00 0.00 ? 2 PRO A CD  4  
ATOM   214 H HA  . PRO A 1 2 ? 2.222  1.949   -1.502 1.00 0.00 ? 2 PRO A HA  4  
ATOM   215 H HB2 . PRO A 1 2 ? 3.308  2.980   0.749  1.00 0.00 ? 2 PRO A HB2 4  
ATOM   216 H HB3 . PRO A 1 2 ? 3.544  3.739   -0.839 1.00 0.00 ? 2 PRO A HB3 4  
ATOM   217 H HG2 . PRO A 1 2 ? 1.757  4.538   1.391  1.00 0.00 ? 2 PRO A HG2 4  
ATOM   218 H HG3 . PRO A 1 2 ? 2.638  5.542   0.229  1.00 0.00 ? 2 PRO A HG3 4  
ATOM   219 H HD2 . PRO A 1 2 ? -0.090 4.878   0.073  1.00 0.00 ? 2 PRO A HD2 4  
ATOM   220 H HD3 . PRO A 1 2 ? 0.894  5.538   -1.251 1.00 0.00 ? 2 PRO A HD3 4  
ATOM   221 N N   . GLY A 1 3 ? 0.457  2.089   1.301  1.00 0.00 ? 3 GLY A N   4  
ATOM   222 C CA  . GLY A 1 3 ? -0.139 1.241   2.321  1.00 0.00 ? 3 GLY A CA  4  
ATOM   223 C C   . GLY A 1 3 ? -0.554 -0.085  1.688  1.00 0.00 ? 3 GLY A C   4  
ATOM   224 O O   . GLY A 1 3 ? -0.279 -1.156  2.229  1.00 0.00 ? 3 GLY A O   4  
ATOM   225 H H   . GLY A 1 3 ? 0.290  3.055   1.311  1.00 0.00 ? 3 GLY A H   4  
ATOM   226 H HA2 . GLY A 1 3 ? 0.585  1.062   3.118  1.00 0.00 ? 3 GLY A HA2 4  
ATOM   227 H HA3 . GLY A 1 3 ? -1.011 1.728   2.730  1.00 0.00 ? 3 GLY A HA3 4  
ATOM   228 N N   . CYS A 1 4 ? -1.208 -0.001  0.522  1.00 0.00 ? 4 CYS A N   4  
ATOM   229 C CA  . CYS A 1 4 ? -1.643 -1.192  -0.188 1.00 0.00 ? 4 CYS A CA  4  
ATOM   230 C C   . CYS A 1 4 ? -0.657 -2.337  0.027  1.00 0.00 ? 4 CYS A C   4  
ATOM   231 O O   . CYS A 1 4 ? 0.314  -2.481  -0.718 1.00 0.00 ? 4 CYS A O   4  
ATOM   232 C CB  . CYS A 1 4 ? -1.762 -0.889  -1.685 1.00 0.00 ? 4 CYS A CB  4  
ATOM   233 S SG  . CYS A 1 4 ? -2.380 0.798   -1.914 1.00 0.00 ? 4 CYS A SG  4  
ATOM   234 H H   . CYS A 1 4 ? -1.398 0.878   0.130  1.00 0.00 ? 4 CYS A H   4  
ATOM   235 H HA  . CYS A 1 4 ? -2.606 -1.486  0.185  1.00 0.00 ? 4 CYS A HA  4  
ATOM   236 H HB2 . CYS A 1 4 ? -0.789 -0.983  -2.148 1.00 0.00 ? 4 CYS A HB2 4  
ATOM   237 H HB3 . CYS A 1 4 ? -2.445 -1.590  -2.140 1.00 0.00 ? 4 CYS A HB3 4  
ATOM   238 N N   . LYS A 1 5 ? -0.912 -3.149  1.047  1.00 0.00 ? 5 LYS A N   4  
ATOM   239 C CA  . LYS A 1 5 ? -0.038 -4.277  1.348  1.00 0.00 ? 5 LYS A CA  4  
ATOM   240 C C   . LYS A 1 5 ? -0.751 -5.598  1.069  1.00 0.00 ? 5 LYS A C   4  
ATOM   241 O O   . LYS A 1 5 ? -0.224 -6.382  0.297  1.00 0.00 ? 5 LYS A O   4  
ATOM   242 C CB  . LYS A 1 5 ? 0.390  -4.228  2.816  1.00 0.00 ? 5 LYS A CB  4  
ATOM   243 C CG  . LYS A 1 5 ? -0.835 -3.984  3.698  1.00 0.00 ? 5 LYS A CG  4  
ATOM   244 C CD  . LYS A 1 5 ? -0.384 -3.699  5.132  1.00 0.00 ? 5 LYS A CD  4  
ATOM   245 C CE  . LYS A 1 5 ? -1.605 -3.661  6.054  1.00 0.00 ? 5 LYS A CE  4  
ATOM   246 N NZ  . LYS A 1 5 ? -1.328 -4.467  7.278  1.00 0.00 1 5 LYS A NZ  4  
ATOM   247 O OXT . LYS A 1 5 ? -1.813 -5.804  1.633  1.00 0.00 ? 5 LYS A OXT 4  
ATOM   248 H H   . LYS A 1 5 ? -1.701 -2.987  1.607  1.00 0.00 ? 5 LYS A H   4  
ATOM   249 H HA  . LYS A 1 5 ? 0.841  -4.217  0.727  1.00 0.00 ? 5 LYS A HA  4  
ATOM   250 H HB2 . LYS A 1 5 ? 0.850  -5.167  3.089  1.00 0.00 ? 5 LYS A HB2 4  
ATOM   251 H HB3 . LYS A 1 5 ? 1.098  -3.426  2.958  1.00 0.00 ? 5 LYS A HB3 4  
ATOM   252 H HG2 . LYS A 1 5 ? -1.389 -3.138  3.320  1.00 0.00 ? 5 LYS A HG2 4  
ATOM   253 H HG3 . LYS A 1 5 ? -1.466 -4.860  3.689  1.00 0.00 ? 5 LYS A HG3 4  
ATOM   254 H HD2 . LYS A 1 5 ? 0.291  -4.477  5.459  1.00 0.00 ? 5 LYS A HD2 4  
ATOM   255 H HD3 . LYS A 1 5 ? 0.122  -2.746  5.168  1.00 0.00 ? 5 LYS A HD3 4  
ATOM   256 H HE2 . LYS A 1 5 ? -1.810 -2.639  6.335  1.00 0.00 ? 5 LYS A HE2 4  
ATOM   257 H HE3 . LYS A 1 5 ? -2.459 -4.072  5.537  1.00 0.00 ? 5 LYS A HE3 4  
ATOM   258 H HZ1 . LYS A 1 5 ? -2.023 -5.237  7.349  1.00 0.00 ? 5 LYS A HZ1 4  
ATOM   259 H HZ2 . LYS A 1 5 ? -1.399 -3.857  8.117  1.00 0.00 ? 5 LYS A HZ2 4  
ATOM   260 H HZ3 . LYS A 1 5 ? -0.372 -4.871  7.219  1.00 0.00 ? 5 LYS A HZ3 4  
HETATM 261 N N   . DAL A 1 1 ? 1.020  1.592   -3.880 1.00 0.00 1 1 DAL A N   5  
HETATM 262 C CA  . DAL A 1 1 ? 0.051  1.656   -2.750 1.00 0.00 ? 1 DAL A CA  5  
HETATM 263 C CB  . DAL A 1 1 ? -1.333 1.233   -3.245 1.00 0.00 ? 1 DAL A CB  5  
HETATM 264 C C   . DAL A 1 1 ? -0.002 3.084   -2.209 1.00 0.00 ? 1 DAL A C   5  
HETATM 265 O O   . DAL A 1 1 ? -0.807 3.899   -2.661 1.00 0.00 ? 1 DAL A O   5  
HETATM 266 H H2  . DAL A 1 1 ? 0.850  2.387   -4.528 1.00 0.00 ? 1 DAL A H2  5  
HETATM 267 H H   . DAL A 1 1 ? 1.989  1.646   -3.509 1.00 0.00 ? 1 DAL A H   5  
HETATM 268 H H3  . DAL A 1 1 ? 0.897  0.695   -4.391 1.00 0.00 ? 1 DAL A H3  5  
HETATM 269 H HA  . DAL A 1 1 ? 0.369  0.985   -1.969 1.00 0.00 ? 1 DAL A HA  5  
HETATM 270 H HB1 . DAL A 1 1 ? -1.241 0.348   -3.859 1.00 0.00 ? 1 DAL A HB1 5  
HETATM 271 H HB2 . DAL A 1 1 ? -1.766 2.033   -3.830 1.00 0.00 ? 1 DAL A HB2 5  
ATOM   272 N N   . PRO A 1 2 ? 0.839  3.398   -1.256 1.00 0.00 ? 2 PRO A N   5  
ATOM   273 C CA  . PRO A 1 2 ? 1.822  2.437   -0.690 1.00 0.00 ? 2 PRO A CA  5  
ATOM   274 C C   . PRO A 1 2 ? 1.197  1.531   0.365  1.00 0.00 ? 2 PRO A C   5  
ATOM   275 O O   . PRO A 1 2 ? 1.375  0.314   0.326  1.00 0.00 ? 2 PRO A O   5  
ATOM   276 C CB  . PRO A 1 2 ? 2.891  3.347   -0.090 1.00 0.00 ? 2 PRO A CB  5  
ATOM   277 C CG  . PRO A 1 2 ? 2.163  4.590   0.311  1.00 0.00 ? 2 PRO A CG  5  
ATOM   278 C CD  . PRO A 1 2 ? 0.946  4.717   -0.615 1.00 0.00 ? 2 PRO A CD  5  
ATOM   279 H HA  . PRO A 1 2 ? 2.251  1.838   -1.474 1.00 0.00 ? 2 PRO A HA  5  
ATOM   280 H HB2 . PRO A 1 2 ? 3.346  2.876   0.771  1.00 0.00 ? 2 PRO A HB2 5  
ATOM   281 H HB3 . PRO A 1 2 ? 3.642  3.582   -0.830 1.00 0.00 ? 2 PRO A HB3 5  
ATOM   282 H HG2 . PRO A 1 2 ? 1.842  4.510   1.341  1.00 0.00 ? 2 PRO A HG2 5  
ATOM   283 H HG3 . PRO A 1 2 ? 2.803  5.450   0.187  1.00 0.00 ? 2 PRO A HG3 5  
ATOM   284 H HD2 . PRO A 1 2 ? 0.057  4.935   -0.041 1.00 0.00 ? 2 PRO A HD2 5  
ATOM   285 H HD3 . PRO A 1 2 ? 1.115  5.479   -1.359 1.00 0.00 ? 2 PRO A HD3 5  
ATOM   286 N N   . GLY A 1 3 ? 0.449  2.117   1.295  1.00 0.00 ? 3 GLY A N   5  
ATOM   287 C CA  . GLY A 1 3 ? -0.195 1.316   2.323  1.00 0.00 ? 3 GLY A CA  5  
ATOM   288 C C   . GLY A 1 3 ? -0.621 -0.020  1.720  1.00 0.00 ? 3 GLY A C   5  
ATOM   289 O O   . GLY A 1 3 ? -0.360 -1.081  2.288  1.00 0.00 ? 3 GLY A O   5  
ATOM   290 H H   . GLY A 1 3 ? 0.321  3.089   1.281  1.00 0.00 ? 3 GLY A H   5  
ATOM   291 H HA2 . GLY A 1 3 ? 0.502  1.147   3.146  1.00 0.00 ? 3 GLY A HA2 5  
ATOM   292 H HA3 . GLY A 1 3 ? -1.068 1.834   2.690  1.00 0.00 ? 3 GLY A HA3 5  
ATOM   293 N N   . CYS A 1 4 ? -1.271 0.041   0.551  1.00 0.00 ? 4 CYS A N   5  
ATOM   294 C CA  . CYS A 1 4 ? -1.714 -1.164  -0.131 1.00 0.00 ? 4 CYS A CA  5  
ATOM   295 C C   . CYS A 1 4 ? -0.680 -2.278  0.017  1.00 0.00 ? 4 CYS A C   5  
ATOM   296 O O   . CYS A 1 4 ? 0.280  -2.351  -0.749 1.00 0.00 ? 4 CYS A O   5  
ATOM   297 C CB  . CYS A 1 4 ? -1.941 -0.867  -1.616 1.00 0.00 ? 4 CYS A CB  5  
ATOM   298 S SG  . CYS A 1 4 ? -2.398 0.875   -1.823 1.00 0.00 ? 4 CYS A SG  5  
ATOM   299 H H   . CYS A 1 4 ? -1.451 0.912   0.137  1.00 0.00 ? 4 CYS A H   5  
ATOM   300 H HA  . CYS A 1 4 ? -2.641 -1.488  0.304  1.00 0.00 ? 4 CYS A HA  5  
ATOM   301 H HB2 . CYS A 1 4 ? -1.033 -1.069  -2.166 1.00 0.00 ? 4 CYS A HB2 5  
ATOM   302 H HB3 . CYS A 1 4 ? -2.735 -1.494  -1.991 1.00 0.00 ? 4 CYS A HB3 5  
ATOM   303 N N   . LYS A 1 5 ? -0.884 -3.139  1.008  1.00 0.00 ? 5 LYS A N   5  
ATOM   304 C CA  . LYS A 1 5 ? 0.037  -4.244  1.248  1.00 0.00 ? 5 LYS A CA  5  
ATOM   305 C C   . LYS A 1 5 ? 0.090  -5.171  0.037  1.00 0.00 ? 5 LYS A C   5  
ATOM   306 O O   . LYS A 1 5 ? 0.467  -6.318  0.210  1.00 0.00 ? 5 LYS A O   5  
ATOM   307 C CB  . LYS A 1 5 ? -0.405 -5.036  2.479  1.00 0.00 ? 5 LYS A CB  5  
ATOM   308 C CG  . LYS A 1 5 ? 0.454  -4.634  3.680  1.00 0.00 ? 5 LYS A CG  5  
ATOM   309 C CD  . LYS A 1 5 ? 1.720  -5.494  3.713  1.00 0.00 ? 5 LYS A CD  5  
ATOM   310 C CE  . LYS A 1 5 ? 2.890  -4.657  4.231  1.00 0.00 ? 5 LYS A CE  5  
ATOM   311 N NZ  . LYS A 1 5 ? 2.422  -3.781  5.342  1.00 0.00 1 5 LYS A NZ  5  
ATOM   312 O OXT . LYS A 1 5 ? -0.250 -4.719  -1.044 1.00 0.00 ? 5 LYS A OXT 5  
ATOM   313 H H   . LYS A 1 5 ? -1.667 -3.031  1.588  1.00 0.00 ? 5 LYS A H   5  
ATOM   314 H HA  . LYS A 1 5 ? 1.024  -3.845  1.425  1.00 0.00 ? 5 LYS A HA  5  
ATOM   315 H HB2 . LYS A 1 5 ? -1.442 -4.824  2.691  1.00 0.00 ? 5 LYS A HB2 5  
ATOM   316 H HB3 . LYS A 1 5 ? -0.284 -6.092  2.291  1.00 0.00 ? 5 LYS A HB3 5  
ATOM   317 H HG2 . LYS A 1 5 ? 0.728  -3.592  3.594  1.00 0.00 ? 5 LYS A HG2 5  
ATOM   318 H HG3 . LYS A 1 5 ? -0.106 -4.786  4.591  1.00 0.00 ? 5 LYS A HG3 5  
ATOM   319 H HD2 . LYS A 1 5 ? 1.563  -6.339  4.368  1.00 0.00 ? 5 LYS A HD2 5  
ATOM   320 H HD3 . LYS A 1 5 ? 1.943  -5.845  2.718  1.00 0.00 ? 5 LYS A HD3 5  
ATOM   321 H HE2 . LYS A 1 5 ? 3.668  -5.312  4.593  1.00 0.00 ? 5 LYS A HE2 5  
ATOM   322 H HE3 . LYS A 1 5 ? 3.278  -4.047  3.429  1.00 0.00 ? 5 LYS A HE3 5  
ATOM   323 H HZ1 . LYS A 1 5 ? 3.235  -3.286  5.761  1.00 0.00 ? 5 LYS A HZ1 5  
ATOM   324 H HZ2 . LYS A 1 5 ? 1.957  -4.363  6.069  1.00 0.00 ? 5 LYS A HZ2 5  
ATOM   325 H HZ3 . LYS A 1 5 ? 1.746  -3.082  4.973  1.00 0.00 ? 5 LYS A HZ3 5  
HETATM 326 N N   . DAL A 1 1 ? 1.002  1.747   -3.934 1.00 0.00 1 1 DAL A N   6  
HETATM 327 C CA  . DAL A 1 1 ? 0.048  1.717   -2.789 1.00 0.00 ? 1 DAL A CA  6  
HETATM 328 C CB  . DAL A 1 1 ? -1.326 1.267   -3.288 1.00 0.00 ? 1 DAL A CB  6  
HETATM 329 C C   . DAL A 1 1 ? -0.049 3.114   -2.176 1.00 0.00 ? 1 DAL A C   6  
HETATM 330 O O   . DAL A 1 1 ? -0.881 3.923   -2.588 1.00 0.00 ? 1 DAL A O   6  
HETATM 331 H H2  . DAL A 1 1 ? 1.130  0.780   -4.300 1.00 0.00 ? 1 DAL A H2  6  
HETATM 332 H H   . DAL A 1 1 ? 0.623  2.355   -4.685 1.00 0.00 ? 1 DAL A H   6  
HETATM 333 H H3  . DAL A 1 1 ? 1.916  2.122   -3.614 1.00 0.00 ? 1 DAL A H3  6  
HETATM 334 H HA  . DAL A 1 1 ? 0.402  1.019   -2.048 1.00 0.00 ? 1 DAL A HA  6  
HETATM 335 H HB1 . DAL A 1 1 ? -1.214 0.392   -3.910 1.00 0.00 ? 1 DAL A HB1 6  
HETATM 336 H HB2 . DAL A 1 1 ? -1.777 2.063   -3.865 1.00 0.00 ? 1 DAL A HB2 6  
ATOM   337 N N   . PRO A 1 2 ? 0.784  3.409   -1.209 1.00 0.00 ? 2 PRO A N   6  
ATOM   338 C CA  . PRO A 1 2 ? 1.798  2.458   -0.684 1.00 0.00 ? 2 PRO A CA  6  
ATOM   339 C C   . PRO A 1 2 ? 1.211  1.508   0.352  1.00 0.00 ? 2 PRO A C   6  
ATOM   340 O O   . PRO A 1 2 ? 1.418  0.297   0.277  1.00 0.00 ? 2 PRO A O   6  
ATOM   341 C CB  . PRO A 1 2 ? 2.850  3.380   -0.069 1.00 0.00 ? 2 PRO A CB  6  
ATOM   342 C CG  . PRO A 1 2 ? 2.088  4.582   0.391  1.00 0.00 ? 2 PRO A CG  6  
ATOM   343 C CD  . PRO A 1 2 ? 0.848  4.702   -0.507 1.00 0.00 ? 2 PRO A CD  6  
ATOM   344 H HA  . PRO A 1 2 ? 2.237  1.895   -1.490 1.00 0.00 ? 2 PRO A HA  6  
ATOM   345 H HB2 . PRO A 1 2 ? 3.333  2.892   0.766  1.00 0.00 ? 2 PRO A HB2 6  
ATOM   346 H HB3 . PRO A 1 2 ? 3.578  3.668   -0.813 1.00 0.00 ? 2 PRO A HB3 6  
ATOM   347 H HG2 . PRO A 1 2 ? 1.790  4.456   1.423  1.00 0.00 ? 2 PRO A HG2 6  
ATOM   348 H HG3 . PRO A 1 2 ? 2.696  5.467   0.287  1.00 0.00 ? 2 PRO A HG3 6  
ATOM   349 H HD2 . PRO A 1 2 ? -0.038 4.854   0.093  1.00 0.00 ? 2 PRO A HD2 6  
ATOM   350 H HD3 . PRO A 1 2 ? 0.970  5.505   -1.216 1.00 0.00 ? 2 PRO A HD3 6  
ATOM   351 N N   . GLY A 1 3 ? 0.465  2.052   1.308  1.00 0.00 ? 3 GLY A N   6  
ATOM   352 C CA  . GLY A 1 3 ? -0.149 1.211   2.324  1.00 0.00 ? 3 GLY A CA  6  
ATOM   353 C C   . GLY A 1 3 ? -0.593 -0.103  1.684  1.00 0.00 ? 3 GLY A C   6  
ATOM   354 O O   . GLY A 1 3 ? -0.339 -1.183  2.220  1.00 0.00 ? 3 GLY A O   6  
ATOM   355 H H   . GLY A 1 3 ? 0.314  3.020   1.320  1.00 0.00 ? 3 GLY A H   6  
ATOM   356 H HA2 . GLY A 1 3 ? 0.573  1.012   3.117  1.00 0.00 ? 3 GLY A HA2 6  
ATOM   357 H HA3 . GLY A 1 3 ? -1.009 1.713   2.736  1.00 0.00 ? 3 GLY A HA3 6  
ATOM   358 N N   . CYS A 1 4 ? -1.251 -0.001  0.523  1.00 0.00 ? 4 CYS A N   6  
ATOM   359 C CA  . CYS A 1 4 ? -1.713 -1.183  -0.188 1.00 0.00 ? 4 CYS A CA  6  
ATOM   360 C C   . CYS A 1 4 ? -0.724 -2.331  -0.019 1.00 0.00 ? 4 CYS A C   6  
ATOM   361 O O   . CYS A 1 4 ? 0.153  -2.535  -0.859 1.00 0.00 ? 4 CYS A O   6  
ATOM   362 C CB  . CYS A 1 4 ? -1.880 -0.860  -1.676 1.00 0.00 ? 4 CYS A CB  6  
ATOM   363 S SG  . CYS A 1 4 ? -2.383 0.870   -1.870 1.00 0.00 ? 4 CYS A SG  6  
ATOM   364 H H   . CYS A 1 4 ? -1.425 0.884   0.135  1.00 0.00 ? 4 CYS A H   6  
ATOM   365 H HA  . CYS A 1 4 ? -2.665 -1.478  0.213  1.00 0.00 ? 4 CYS A HA  6  
ATOM   366 H HB2 . CYS A 1 4 ? -0.942 -1.022  -2.187 1.00 0.00 ? 4 CYS A HB2 6  
ATOM   367 H HB3 . CYS A 1 4 ? -2.636 -1.505  -2.101 1.00 0.00 ? 4 CYS A HB3 6  
ATOM   368 N N   . LYS A 1 5 ? -0.872 -3.078  1.070  1.00 0.00 ? 5 LYS A N   6  
ATOM   369 C CA  . LYS A 1 5 ? 0.015  -4.203  1.338  1.00 0.00 ? 5 LYS A CA  6  
ATOM   370 C C   . LYS A 1 5 ? -0.563 -5.490  0.758  1.00 0.00 ? 5 LYS A C   6  
ATOM   371 O O   . LYS A 1 5 ? -0.943 -5.476  -0.401 1.00 0.00 ? 5 LYS A O   6  
ATOM   372 C CB  . LYS A 1 5 ? 0.215  -4.364  2.847  1.00 0.00 ? 5 LYS A CB  6  
ATOM   373 C CG  . LYS A 1 5 ? -1.146 -4.547  3.525  1.00 0.00 ? 5 LYS A CG  6  
ATOM   374 C CD  . LYS A 1 5 ? -0.943 -5.066  4.951  1.00 0.00 ? 5 LYS A CD  6  
ATOM   375 C CE  . LYS A 1 5 ? -1.655 -6.411  5.115  1.00 0.00 ? 5 LYS A CE  6  
ATOM   376 N NZ  . LYS A 1 5 ? -3.128 -6.203  5.047  1.00 0.00 1 5 LYS A NZ  6  
ATOM   377 O OXT . LYS A 1 5 ? -0.616 -6.470  1.482  1.00 0.00 ? 5 LYS A OXT 6  
ATOM   378 H H   . LYS A 1 5 ? -1.589 -2.866  1.704  1.00 0.00 ? 5 LYS A H   6  
ATOM   379 H HA  . LYS A 1 5 ? 0.973  -4.011  0.880  1.00 0.00 ? 5 LYS A HA  6  
ATOM   380 H HB2 . LYS A 1 5 ? 0.831  -5.230  3.038  1.00 0.00 ? 5 LYS A HB2 6  
ATOM   381 H HB3 . LYS A 1 5 ? 0.697  -3.484  3.243  1.00 0.00 ? 5 LYS A HB3 6  
ATOM   382 H HG2 . LYS A 1 5 ? -1.661 -3.596  3.558  1.00 0.00 ? 5 LYS A HG2 6  
ATOM   383 H HG3 . LYS A 1 5 ? -1.735 -5.256  2.964  1.00 0.00 ? 5 LYS A HG3 6  
ATOM   384 H HD2 . LYS A 1 5 ? 0.114  -5.192  5.143  1.00 0.00 ? 5 LYS A HD2 6  
ATOM   385 H HD3 . LYS A 1 5 ? -1.353 -4.358  5.655  1.00 0.00 ? 5 LYS A HD3 6  
ATOM   386 H HE2 . LYS A 1 5 ? -1.348 -7.078  4.322  1.00 0.00 ? 5 LYS A HE2 6  
ATOM   387 H HE3 . LYS A 1 5 ? -1.394 -6.843  6.070  1.00 0.00 ? 5 LYS A HE3 6  
ATOM   388 H HZ1 . LYS A 1 5 ? -3.409 -5.477  5.735  1.00 0.00 ? 5 LYS A HZ1 6  
ATOM   389 H HZ2 . LYS A 1 5 ? -3.614 -7.098  5.268  1.00 0.00 ? 5 LYS A HZ2 6  
ATOM   390 H HZ3 . LYS A 1 5 ? -3.392 -5.894  4.092  1.00 0.00 ? 5 LYS A HZ3 6  
HETATM 391 N N   . DAL A 1 1 ? 1.020  1.749   -3.894 1.00 0.00 1 1 DAL A N   7  
HETATM 392 C CA  . DAL A 1 1 ? 0.033  1.731   -2.777 1.00 0.00 ? 1 DAL A CA  7  
HETATM 393 C CB  . DAL A 1 1 ? -1.329 1.279   -3.312 1.00 0.00 ? 1 DAL A CB  7  
HETATM 394 C C   . DAL A 1 1 ? -0.078 3.130   -2.175 1.00 0.00 ? 1 DAL A C   7  
HETATM 395 O O   . DAL A 1 1 ? -0.920 3.928   -2.587 1.00 0.00 ? 1 DAL A O   7  
HETATM 396 H H2  . DAL A 1 1 ? 1.905  2.189   -3.566 1.00 0.00 ? 1 DAL A H2  7  
HETATM 397 H H   . DAL A 1 1 ? 1.210  0.776   -4.205 1.00 0.00 ? 1 DAL A H   7  
HETATM 398 H H3  . DAL A 1 1 ? 0.634  2.296   -4.689 1.00 0.00 ? 1 DAL A H3  7  
HETATM 399 H HA  . DAL A 1 1 ? 0.365  1.037   -2.021 1.00 0.00 ? 1 DAL A HA  7  
HETATM 400 H HB1 . DAL A 1 1 ? -1.193 0.435   -3.971 1.00 0.00 ? 1 DAL A HB1 7  
HETATM 401 H HB2 . DAL A 1 1 ? -1.787 2.092   -3.858 1.00 0.00 ? 1 DAL A HB2 7  
ATOM   402 N N   . PRO A 1 2 ? 0.756  3.438   -1.215 1.00 0.00 ? 2 PRO A N   7  
ATOM   403 C CA  . PRO A 1 2 ? 1.782  2.497   -0.698 1.00 0.00 ? 2 PRO A CA  7  
ATOM   404 C C   . PRO A 1 2 ? 1.207  1.541   0.340  1.00 0.00 ? 2 PRO A C   7  
ATOM   405 O O   . PRO A 1 2 ? 1.422  0.332   0.261  1.00 0.00 ? 2 PRO A O   7  
ATOM   406 C CB  . PRO A 1 2 ? 2.830  3.426   -0.090 1.00 0.00 ? 2 PRO A CB  7  
ATOM   407 C CG  . PRO A 1 2 ? 2.067  4.629   0.365  1.00 0.00 ? 2 PRO A CG  7  
ATOM   408 C CD  . PRO A 1 2 ? 0.814  4.732   -0.517 1.00 0.00 ? 2 PRO A CD  7  
ATOM   409 H HA  . PRO A 1 2 ? 2.217  1.937   -1.506 1.00 0.00 ? 2 PRO A HA  7  
ATOM   410 H HB2 . PRO A 1 2 ? 3.319  2.946   0.748  1.00 0.00 ? 2 PRO A HB2 7  
ATOM   411 H HB3 . PRO A 1 2 ? 3.558  3.712   -0.837 1.00 0.00 ? 2 PRO A HB3 7  
ATOM   412 H HG2 . PRO A 1 2 ? 1.784  4.513   1.402  1.00 0.00 ? 2 PRO A HG2 7  
ATOM   413 H HG3 . PRO A 1 2 ? 2.669  5.517   0.242  1.00 0.00 ? 2 PRO A HG3 7  
ATOM   414 H HD2 . PRO A 1 2 ? -0.067 4.874   0.094  1.00 0.00 ? 2 PRO A HD2 7  
ATOM   415 H HD3 . PRO A 1 2 ? 0.917  5.536   -1.229 1.00 0.00 ? 2 PRO A HD3 7  
ATOM   416 N N   . GLY A 1 3 ? 0.462  2.076   1.303  1.00 0.00 ? 3 GLY A N   7  
ATOM   417 C CA  . GLY A 1 3 ? -0.137 1.223   2.318  1.00 0.00 ? 3 GLY A CA  7  
ATOM   418 C C   . GLY A 1 3 ? -0.551 -0.096  1.674  1.00 0.00 ? 3 GLY A C   7  
ATOM   419 O O   . GLY A 1 3 ? -0.269 -1.173  2.203  1.00 0.00 ? 3 GLY A O   7  
ATOM   420 H H   . GLY A 1 3 ? 0.303  3.042   1.322  1.00 0.00 ? 3 GLY A H   7  
ATOM   421 H HA2 . GLY A 1 3 ? 0.585  1.040   3.114  1.00 0.00 ? 3 GLY A HA2 7  
ATOM   422 H HA3 . GLY A 1 3 ? -1.011 1.709   2.727  1.00 0.00 ? 3 GLY A HA3 7  
ATOM   423 N N   . CYS A 1 4 ? -1.212 -0.005  0.513  1.00 0.00 ? 4 CYS A N   7  
ATOM   424 C CA  . CYS A 1 4 ? -1.645 -1.193  -0.205 1.00 0.00 ? 4 CYS A CA  7  
ATOM   425 C C   . CYS A 1 4 ? -0.664 -2.340  0.012  1.00 0.00 ? 4 CYS A C   7  
ATOM   426 O O   . CYS A 1 4 ? 0.292  -2.504  -0.747 1.00 0.00 ? 4 CYS A O   7  
ATOM   427 C CB  . CYS A 1 4 ? -1.752 -0.881  -1.702 1.00 0.00 ? 4 CYS A CB  7  
ATOM   428 S SG  . CYS A 1 4 ? -2.392 0.800   -1.926 1.00 0.00 ? 4 CYS A SG  7  
ATOM   429 H H   . CYS A 1 4 ? -1.406 0.878   0.129  1.00 0.00 ? 4 CYS A H   7  
ATOM   430 H HA  . CYS A 1 4 ? -2.612 -1.484  0.158  1.00 0.00 ? 4 CYS A HA  7  
ATOM   431 H HB2 . CYS A 1 4 ? -0.775 -0.956  -2.157 1.00 0.00 ? 4 CYS A HB2 7  
ATOM   432 H HB3 . CYS A 1 4 ? -2.421 -1.586  -2.170 1.00 0.00 ? 4 CYS A HB3 7  
ATOM   433 N N   . LYS A 1 5 ? -0.906 -3.130  1.053  1.00 0.00 ? 5 LYS A N   7  
ATOM   434 C CA  . LYS A 1 5 ? -0.035 -4.258  1.362  1.00 0.00 ? 5 LYS A CA  7  
ATOM   435 C C   . LYS A 1 5 ? -0.771 -5.579  1.153  1.00 0.00 ? 5 LYS A C   7  
ATOM   436 O O   . LYS A 1 5 ? -0.104 -6.589  1.011  1.00 0.00 ? 5 LYS A O   7  
ATOM   437 C CB  . LYS A 1 5 ? 0.447  -4.164  2.811  1.00 0.00 ? 5 LYS A CB  7  
ATOM   438 C CG  . LYS A 1 5 ? -0.752 -3.926  3.734  1.00 0.00 ? 5 LYS A CG  7  
ATOM   439 C CD  . LYS A 1 5 ? -0.260 -3.490  5.116  1.00 0.00 ? 5 LYS A CD  7  
ATOM   440 C CE  . LYS A 1 5 ? -0.489 -4.621  6.119  1.00 0.00 ? 5 LYS A CE  7  
ATOM   441 N NZ  . LYS A 1 5 ? -0.031 -5.911  5.528  1.00 0.00 1 5 LYS A NZ  7  
ATOM   442 O OXT . LYS A 1 5 ? -1.990 -5.558  1.139  1.00 0.00 ? 5 LYS A OXT 7  
ATOM   443 H H   . LYS A 1 5 ? -1.681 -2.951  1.624  1.00 0.00 ? 5 LYS A H   7  
ATOM   444 H HA  . LYS A 1 5 ? 0.823  -4.229  0.708  1.00 0.00 ? 5 LYS A HA  7  
ATOM   445 H HB2 . LYS A 1 5 ? 0.938  -5.086  3.088  1.00 0.00 ? 5 LYS A HB2 7  
ATOM   446 H HB3 . LYS A 1 5 ? 1.142  -3.343  2.907  1.00 0.00 ? 5 LYS A HB3 7  
ATOM   447 H HG2 . LYS A 1 5 ? -1.379 -3.152  3.313  1.00 0.00 ? 5 LYS A HG2 7  
ATOM   448 H HG3 . LYS A 1 5 ? -1.321 -4.839  3.827  1.00 0.00 ? 5 LYS A HG3 7  
ATOM   449 H HD2 . LYS A 1 5 ? 0.793  -3.257  5.067  1.00 0.00 ? 5 LYS A HD2 7  
ATOM   450 H HD3 . LYS A 1 5 ? -0.807 -2.614  5.433  1.00 0.00 ? 5 LYS A HD3 7  
ATOM   451 H HE2 . LYS A 1 5 ? 0.070  -4.421  7.021  1.00 0.00 ? 5 LYS A HE2 7  
ATOM   452 H HE3 . LYS A 1 5 ? -1.541 -4.687  6.355  1.00 0.00 ? 5 LYS A HE3 7  
ATOM   453 H HZ1 . LYS A 1 5 ? 0.471  -6.465  6.250  1.00 0.00 ? 5 LYS A HZ1 7  
ATOM   454 H HZ2 . LYS A 1 5 ? 0.609  -5.717  4.731  1.00 0.00 ? 5 LYS A HZ2 7  
ATOM   455 H HZ3 . LYS A 1 5 ? -0.853 -6.449  5.190  1.00 0.00 ? 5 LYS A HZ3 7  
HETATM 456 N N   . DAL A 1 1 ? 1.037  1.507   -3.875 1.00 0.00 1 1 DAL A N   8  
HETATM 457 C CA  . DAL A 1 1 ? 0.070  1.596   -2.745 1.00 0.00 ? 1 DAL A CA  8  
HETATM 458 C CB  . DAL A 1 1 ? -1.309 1.141   -3.224 1.00 0.00 ? 1 DAL A CB  8  
HETATM 459 C C   . DAL A 1 1 ? 0.001  3.041   -2.251 1.00 0.00 ? 1 DAL A C   8  
HETATM 460 O O   . DAL A 1 1 ? -0.806 3.834   -2.738 1.00 0.00 ? 1 DAL A O   8  
HETATM 461 H H2  . DAL A 1 1 ? 1.296  2.466   -4.186 1.00 0.00 ? 1 DAL A H2  8  
HETATM 462 H H   . DAL A 1 1 ? 1.890  1.002   -3.562 1.00 0.00 ? 1 DAL A H   8  
HETATM 463 H H3  . DAL A 1 1 ? 0.601  0.990   -4.665 1.00 0.00 ? 1 DAL A H3  8  
HETATM 464 H HA  . DAL A 1 1 ? 0.398  0.956   -1.943 1.00 0.00 ? 1 DAL A HA  8  
HETATM 465 H HB1 . DAL A 1 1 ? -1.209 0.235   -3.801 1.00 0.00 ? 1 DAL A HB1 8  
HETATM 466 H HB2 . DAL A 1 1 ? -1.747 1.913   -3.841 1.00 0.00 ? 1 DAL A HB2 8  
ATOM   467 N N   . PRO A 1 2 ? 0.832  3.396   -1.305 1.00 0.00 ? 2 PRO A N   8  
ATOM   468 C CA  . PRO A 1 2 ? 1.819  2.464   -0.696 1.00 0.00 ? 2 PRO A CA  8  
ATOM   469 C C   . PRO A 1 2 ? 1.192  1.593   0.386  1.00 0.00 ? 2 PRO A C   8  
ATOM   470 O O   . PRO A 1 2 ? 1.391  0.379   0.401  1.00 0.00 ? 2 PRO A O   8  
ATOM   471 C CB  . PRO A 1 2 ? 2.874  3.406   -0.117 1.00 0.00 ? 2 PRO A CB  8  
ATOM   472 C CG  . PRO A 1 2 ? 2.132  4.656   0.230  1.00 0.00 ? 2 PRO A CG  8  
ATOM   473 C CD  . PRO A 1 2 ? 0.922  4.740   -0.710 1.00 0.00 ? 2 PRO A CD  8  
ATOM   474 H HA  . PRO A 1 2 ? 2.262  1.843   -1.452 1.00 0.00 ? 2 PRO A HA  8  
ATOM   475 H HB2 . PRO A 1 2 ? 3.321  2.971   0.767  1.00 0.00 ? 2 PRO A HB2 8  
ATOM   476 H HB3 . PRO A 1 2 ? 3.632  3.620   -0.856 1.00 0.00 ? 2 PRO A HB3 8  
ATOM   477 H HG2 . PRO A 1 2 ? 1.803  4.614   1.260  1.00 0.00 ? 2 PRO A HG2 8  
ATOM   478 H HG3 . PRO A 1 2 ? 2.766  5.516   0.079  1.00 0.00 ? 2 PRO A HG3 8  
ATOM   479 H HD2 . PRO A 1 2 ? 0.025  4.969   -0.151 1.00 0.00 ? 2 PRO A HD2 8  
ATOM   480 H HD3 . PRO A 1 2 ? 1.090  5.476   -1.479 1.00 0.00 ? 2 PRO A HD3 8  
ATOM   481 N N   . GLY A 1 3 ? 0.422  2.206   1.279  1.00 0.00 ? 3 GLY A N   8  
ATOM   482 C CA  . GLY A 1 3 ? -0.229 1.438   2.329  1.00 0.00 ? 3 GLY A CA  8  
ATOM   483 C C   . GLY A 1 3 ? -0.625 0.072   1.775  1.00 0.00 ? 3 GLY A C   8  
ATOM   484 O O   . GLY A 1 3 ? -0.352 -0.961  2.384  1.00 0.00 ? 3 GLY A O   8  
ATOM   485 H H   . GLY A 1 3 ? 0.278  3.173   1.222  1.00 0.00 ? 3 GLY A H   8  
ATOM   486 H HA2 . GLY A 1 3 ? 0.456  1.314   3.170  1.00 0.00 ? 3 GLY A HA2 8  
ATOM   487 H HA3 . GLY A 1 3 ? -1.114 1.957   2.661  1.00 0.00 ? 3 GLY A HA3 8  
ATOM   488 N N   . CYS A 1 4 ? -1.264 0.080   0.598  1.00 0.00 ? 4 CYS A N   8  
ATOM   489 C CA  . CYS A 1 4 ? -1.680 -1.157  -0.043 1.00 0.00 ? 4 CYS A CA  8  
ATOM   490 C C   . CYS A 1 4 ? -0.613 -2.235  0.121  1.00 0.00 ? 4 CYS A C   8  
ATOM   491 O O   . CYS A 1 4 ? 0.467  -2.146  -0.464 1.00 0.00 ? 4 CYS A O   8  
ATOM   492 C CB  . CYS A 1 4 ? -1.934 -0.907  -1.533 1.00 0.00 ? 4 CYS A CB  8  
ATOM   493 S SG  . CYS A 1 4 ? -2.375 0.833   -1.790 1.00 0.00 ? 4 CYS A SG  8  
ATOM   494 H H   . CYS A 1 4 ? -1.455 0.932   0.149  1.00 0.00 ? 4 CYS A H   8  
ATOM   495 H HA  . CYS A 1 4 ? -2.592 -1.495  0.414  1.00 0.00 ? 4 CYS A HA  8  
ATOM   496 H HB2 . CYS A 1 4 ? -1.040 -1.140  -2.094 1.00 0.00 ? 4 CYS A HB2 8  
ATOM   497 H HB3 . CYS A 1 4 ? -2.743 -1.537  -1.872 1.00 0.00 ? 4 CYS A HB3 8  
ATOM   498 N N   . LYS A 1 5 ? -0.922 -3.250  0.920  1.00 0.00 ? 5 LYS A N   8  
ATOM   499 C CA  . LYS A 1 5 ? 0.020  -4.341  1.154  1.00 0.00 ? 5 LYS A CA  8  
ATOM   500 C C   . LYS A 1 5 ? 0.730  -4.722  -0.141 1.00 0.00 ? 5 LYS A C   8  
ATOM   501 O O   . LYS A 1 5 ? 1.828  -4.236  -0.358 1.00 0.00 ? 5 LYS A O   8  
ATOM   502 C CB  . LYS A 1 5 ? -0.718 -5.559  1.712  1.00 0.00 ? 5 LYS A CB  8  
ATOM   503 C CG  . LYS A 1 5 ? -0.644 -5.546  3.240  1.00 0.00 ? 5 LYS A CG  8  
ATOM   504 C CD  . LYS A 1 5 ? -1.515 -4.412  3.784  1.00 0.00 ? 5 LYS A CD  8  
ATOM   505 C CE  . LYS A 1 5 ? -0.808 -3.746  4.966  1.00 0.00 ? 5 LYS A CE  8  
ATOM   506 N NZ  . LYS A 1 5 ? 0.447  -3.096  4.492  1.00 0.00 1 5 LYS A NZ  8  
ATOM   507 O OXT . LYS A 1 5 ? 0.165  -5.496  -0.897 1.00 0.00 ? 5 LYS A OXT 8  
ATOM   508 H H   . LYS A 1 5 ? -1.798 -3.269  1.360  1.00 0.00 ? 5 LYS A H   8  
ATOM   509 H HA  . LYS A 1 5 ? 0.756  -4.018  1.874  1.00 0.00 ? 5 LYS A HA  8  
ATOM   510 H HB2 . LYS A 1 5 ? -1.751 -5.527  1.400  1.00 0.00 ? 5 LYS A HB2 8  
ATOM   511 H HB3 . LYS A 1 5 ? -0.256 -6.460  1.339  1.00 0.00 ? 5 LYS A HB3 8  
ATOM   512 H HG2 . LYS A 1 5 ? -1.001 -6.491  3.625  1.00 0.00 ? 5 LYS A HG2 8  
ATOM   513 H HG3 . LYS A 1 5 ? 0.378  -5.394  3.551  1.00 0.00 ? 5 LYS A HG3 8  
ATOM   514 H HD2 . LYS A 1 5 ? -1.683 -3.682  3.006  1.00 0.00 ? 5 LYS A HD2 8  
ATOM   515 H HD3 . LYS A 1 5 ? -2.463 -4.811  4.113  1.00 0.00 ? 5 LYS A HD3 8  
ATOM   516 H HE2 . LYS A 1 5 ? -1.457 -3.001  5.401  1.00 0.00 ? 5 LYS A HE2 8  
ATOM   517 H HE3 . LYS A 1 5 ? -0.567 -4.492  5.709  1.00 0.00 ? 5 LYS A HE3 8  
ATOM   518 H HZ1 . LYS A 1 5 ? 1.006  -2.783  5.309  1.00 0.00 ? 5 LYS A HZ1 8  
ATOM   519 H HZ2 . LYS A 1 5 ? 0.208  -2.276  3.899  1.00 0.00 ? 5 LYS A HZ2 8  
ATOM   520 H HZ3 . LYS A 1 5 ? 1.003  -3.777  3.935  1.00 0.00 ? 5 LYS A HZ3 8  
HETATM 521 N N   . DAL A 1 1 ? 1.019  1.857   -3.925 1.00 0.00 1 1 DAL A N   9  
HETATM 522 C CA  . DAL A 1 1 ? 0.038  1.758   -2.807 1.00 0.00 ? 1 DAL A CA  9  
HETATM 523 C CB  . DAL A 1 1 ? -1.300 1.258   -3.354 1.00 0.00 ? 1 DAL A CB  9  
HETATM 524 C C   . DAL A 1 1 ? -0.141 3.135   -2.167 1.00 0.00 ? 1 DAL A C   9  
HETATM 525 O O   . DAL A 1 1 ? -1.020 3.902   -2.561 1.00 0.00 ? 1 DAL A O   9  
HETATM 526 H H2  . DAL A 1 1 ? 1.562  2.740   -3.830 1.00 0.00 ? 1 DAL A H2  9  
HETATM 527 H H   . DAL A 1 1 ? 1.666  1.045   -3.891 1.00 0.00 ? 1 DAL A H   9  
HETATM 528 H H3  . DAL A 1 1 ? 0.512  1.859   -4.832 1.00 0.00 ? 1 DAL A H3  9  
HETATM 529 H HA  . DAL A 1 1 ? 0.404  1.062   -2.071 1.00 0.00 ? 1 DAL A HA  9  
HETATM 530 H HB1 . DAL A 1 1 ? -1.129 0.413   -4.007 1.00 0.00 ? 1 DAL A HB1 9  
HETATM 531 H HB2 . DAL A 1 1 ? -1.781 2.051   -3.911 1.00 0.00 ? 1 DAL A HB2 9  
ATOM   532 N N   . PRO A 1 2 ? 0.676  3.459   -1.198 1.00 0.00 ? 2 PRO A N   9  
ATOM   533 C CA  . PRO A 1 2 ? 1.747  2.556   -0.699 1.00 0.00 ? 2 PRO A CA  9  
ATOM   534 C C   . PRO A 1 2 ? 1.222  1.565   0.333  1.00 0.00 ? 2 PRO A C   9  
ATOM   535 O O   . PRO A 1 2 ? 1.486  0.366   0.239  1.00 0.00 ? 2 PRO A O   9  
ATOM   536 C CB  . PRO A 1 2 ? 2.755  3.526   -0.085 1.00 0.00 ? 2 PRO A CB  9  
ATOM   537 C CG  . PRO A 1 2 ? 1.935  4.681   0.402  1.00 0.00 ? 2 PRO A CG  9  
ATOM   538 C CD  . PRO A 1 2 ? 0.671  4.737   -0.469 1.00 0.00 ? 2 PRO A CD  9  
ATOM   539 H HA  . PRO A 1 2 ? 2.202  2.027   -1.516 1.00 0.00 ? 2 PRO A HA  9  
ATOM   540 H HB2 . PRO A 1 2 ? 3.276  3.056   0.738  1.00 0.00 ? 2 PRO A HB2 9  
ATOM   541 H HB3 . PRO A 1 2 ? 3.455  3.863   -0.835 1.00 0.00 ? 2 PRO A HB3 9  
ATOM   542 H HG2 . PRO A 1 2 ? 1.667  4.529   1.438  1.00 0.00 ? 2 PRO A HG2 9  
ATOM   543 H HG3 . PRO A 1 2 ? 2.490  5.599   0.293  1.00 0.00 ? 2 PRO A HG3 9  
ATOM   544 H HD2 . PRO A 1 2 ? -0.210 4.818   0.152  1.00 0.00 ? 2 PRO A HD2 9  
ATOM   545 H HD3 . PRO A 1 2 ? 0.726  5.561   -1.163 1.00 0.00 ? 2 PRO A HD3 9  
ATOM   546 N N   . GLY A 1 3 ? 0.463  2.059   1.307  1.00 0.00 ? 3 GLY A N   9  
ATOM   547 C CA  . GLY A 1 3 ? -0.094 1.175   2.319  1.00 0.00 ? 3 GLY A CA  9  
ATOM   548 C C   . GLY A 1 3 ? -0.507 -0.138  1.661  1.00 0.00 ? 3 GLY A C   9  
ATOM   549 O O   . GLY A 1 3 ? -0.229 -1.218  2.179  1.00 0.00 ? 3 GLY A O   9  
ATOM   550 H H   . GLY A 1 3 ? 0.265  3.018   1.333  1.00 0.00 ? 3 GLY A H   9  
ATOM   551 H HA2 . GLY A 1 3 ? 0.653  0.987   3.091  1.00 0.00 ? 3 GLY A HA2 9  
ATOM   552 H HA3 . GLY A 1 3 ? -0.962 1.640   2.763  1.00 0.00 ? 3 GLY A HA3 9  
ATOM   553 N N   . CYS A 1 4 ? -1.167 -0.033  0.501  1.00 0.00 ? 4 CYS A N   9  
ATOM   554 C CA  . CYS A 1 4 ? -1.603 -1.210  -0.230 1.00 0.00 ? 4 CYS A CA  9  
ATOM   555 C C   . CYS A 1 4 ? -0.656 -2.380  0.017  1.00 0.00 ? 4 CYS A C   9  
ATOM   556 O O   . CYS A 1 4 ? 0.293  -2.594  -0.737 1.00 0.00 ? 4 CYS A O   9  
ATOM   557 C CB  . CYS A 1 4 ? -1.657 -0.900  -1.729 1.00 0.00 ? 4 CYS A CB  9  
ATOM   558 S SG  . CYS A 1 4 ? -2.364 0.750   -1.979 1.00 0.00 ? 4 CYS A SG  9  
ATOM   559 H H   . CYS A 1 4 ? -1.361 0.855   0.127  1.00 0.00 ? 4 CYS A H   9  
ATOM   560 H HA  . CYS A 1 4 ? -2.589 -1.481  0.104  1.00 0.00 ? 4 CYS A HA  9  
ATOM   561 H HB2 . CYS A 1 4 ? -0.659 -0.929  -2.138 1.00 0.00 ? 4 CYS A HB2 9  
ATOM   562 H HB3 . CYS A 1 4 ? -2.272 -1.635  -2.227 1.00 0.00 ? 4 CYS A HB3 9  
ATOM   563 N N   . LYS A 1 5 ? -0.921 -3.133  1.078  1.00 0.00 ? 5 LYS A N   9  
ATOM   564 C CA  . LYS A 1 5 ? -0.087 -4.280  1.417  1.00 0.00 ? 5 LYS A CA  9  
ATOM   565 C C   . LYS A 1 5 ? -0.833 -5.583  1.152  1.00 0.00 ? 5 LYS A C   9  
ATOM   566 O O   . LYS A 1 5 ? -0.214 -6.506  0.648  1.00 0.00 ? 5 LYS A O   9  
ATOM   567 C CB  . LYS A 1 5 ? 0.320  -4.212  2.891  1.00 0.00 ? 5 LYS A CB  9  
ATOM   568 C CG  . LYS A 1 5 ? -0.883 -4.558  3.769  1.00 0.00 ? 5 LYS A CG  9  
ATOM   569 C CD  . LYS A 1 5 ? -0.584 -4.179  5.221  1.00 0.00 ? 5 LYS A CD  9  
ATOM   570 C CE  . LYS A 1 5 ? -1.891 -3.874  5.953  1.00 0.00 ? 5 LYS A CE  9  
ATOM   571 N NZ  . LYS A 1 5 ? -2.608 -5.148  6.242  1.00 0.00 1 5 LYS A NZ  9  
ATOM   572 O OXT . LYS A 1 5 ? -2.013 -5.638  1.457  1.00 0.00 ? 5 LYS A OXT 9  
ATOM   573 H H   . LYS A 1 5 ? -1.691 -2.914  1.642  1.00 0.00 ? 5 LYS A H   9  
ATOM   574 H HA  . LYS A 1 5 ? 0.806  -4.256  0.809  1.00 0.00 ? 5 LYS A HA  9  
ATOM   575 H HB2 . LYS A 1 5 ? 1.118  -4.917  3.077  1.00 0.00 ? 5 LYS A HB2 9  
ATOM   576 H HB3 . LYS A 1 5 ? 0.659  -3.215  3.125  1.00 0.00 ? 5 LYS A HB3 9  
ATOM   577 H HG2 . LYS A 1 5 ? -1.749 -4.013  3.423  1.00 0.00 ? 5 LYS A HG2 9  
ATOM   578 H HG3 . LYS A 1 5 ? -1.080 -5.619  3.710  1.00 0.00 ? 5 LYS A HG3 9  
ATOM   579 H HD2 . LYS A 1 5 ? -0.078 -4.999  5.710  1.00 0.00 ? 5 LYS A HD2 9  
ATOM   580 H HD3 . LYS A 1 5 ? 0.049  -3.304  5.240  1.00 0.00 ? 5 LYS A HD3 9  
ATOM   581 H HE2 . LYS A 1 5 ? -1.674 -3.366  6.881  1.00 0.00 ? 5 LYS A HE2 9  
ATOM   582 H HE3 . LYS A 1 5 ? -2.513 -3.243  5.334  1.00 0.00 ? 5 LYS A HE3 9  
ATOM   583 H HZ1 . LYS A 1 5 ? -1.922 -5.926  6.304  1.00 0.00 ? 5 LYS A HZ1 9  
ATOM   584 H HZ2 . LYS A 1 5 ? -3.288 -5.344  5.477  1.00 0.00 ? 5 LYS A HZ2 9  
ATOM   585 H HZ3 . LYS A 1 5 ? -3.116 -5.064  7.146  1.00 0.00 ? 5 LYS A HZ3 9  
HETATM 586 N N   . DAL A 1 1 ? 1.059  1.657   -3.900 1.00 0.00 1 1 DAL A N   10 
HETATM 587 C CA  . DAL A 1 1 ? 0.070  1.651   -2.785 1.00 0.00 ? 1 DAL A CA  10 
HETATM 588 C CB  . DAL A 1 1 ? -1.270 1.123   -3.303 1.00 0.00 ? 1 DAL A CB  10 
HETATM 589 C C   . DAL A 1 1 ? -0.100 3.072   -2.251 1.00 0.00 ? 1 DAL A C   10 
HETATM 590 O O   . DAL A 1 1 ? -0.960 3.821   -2.716 1.00 0.00 ? 1 DAL A O   10 
HETATM 591 H H2  . DAL A 1 1 ? 1.293  0.675   -4.159 1.00 0.00 ? 1 DAL A H2  10 
HETATM 592 H H   . DAL A 1 1 ? 0.653  2.146   -4.721 1.00 0.00 ? 1 DAL A H   10 
HETATM 593 H H3  . DAL A 1 1 ? 1.921  2.150   -3.596 1.00 0.00 ? 1 DAL A H3  10 
HETATM 594 H HA  . DAL A 1 1 ? 0.424  1.006   -1.996 1.00 0.00 ? 1 DAL A HA  10 
HETATM 595 H HB1 . DAL A 1 1 ? -1.103 0.240   -3.900 1.00 0.00 ? 1 DAL A HB1 10 
HETATM 596 H HB2 . DAL A 1 1 ? -1.746 1.883   -3.906 1.00 0.00 ? 1 DAL A HB2 10 
ATOM   597 N N   . PRO A 1 2 ? 0.707  3.456   -1.294 1.00 0.00 ? 2 PRO A N   10 
ATOM   598 C CA  . PRO A 1 2 ? 1.756  2.578   -0.713 1.00 0.00 ? 2 PRO A CA  10 
ATOM   599 C C   . PRO A 1 2 ? 1.199  1.656   0.363  1.00 0.00 ? 2 PRO A C   10 
ATOM   600 O O   . PRO A 1 2 ? 1.456  0.452   0.348  1.00 0.00 ? 2 PRO A O   10 
ATOM   601 C CB  . PRO A 1 2 ? 2.759  3.575   -0.136 1.00 0.00 ? 2 PRO A CB  10 
ATOM   602 C CG  . PRO A 1 2 ? 1.941  4.767   0.252  1.00 0.00 ? 2 PRO A CG  10 
ATOM   603 C CD  . PRO A 1 2 ? 0.708  4.783   -0.662 1.00 0.00 ? 2 PRO A CD  10 
ATOM   604 H HA  . PRO A 1 2 ? 2.226  1.996   -1.486 1.00 0.00 ? 2 PRO A HA  10 
ATOM   605 H HB2 . PRO A 1 2 ? 3.253  3.154   0.730  1.00 0.00 ? 2 PRO A HB2 10 
ATOM   606 H HB3 . PRO A 1 2 ? 3.484  3.855   -0.885 1.00 0.00 ? 2 PRO A HB3 10 
ATOM   607 H HG2 . PRO A 1 2 ? 1.638  4.684   1.287  1.00 0.00 ? 2 PRO A HG2 10 
ATOM   608 H HG3 . PRO A 1 2 ? 2.512  5.671   0.103  1.00 0.00 ? 2 PRO A HG3 10 
ATOM   609 H HD2 . PRO A 1 2 ? -0.192 4.928   -0.077 1.00 0.00 ? 2 PRO A HD2 10 
ATOM   610 H HD3 . PRO A 1 2 ? 0.800  5.554   -1.410 1.00 0.00 ? 2 PRO A HD3 10 
ATOM   611 N N   . GLY A 1 3 ? 0.421  2.212   1.286  1.00 0.00 ? 3 GLY A N   10 
ATOM   612 C CA  . GLY A 1 3 ? -0.166 1.391   2.336  1.00 0.00 ? 3 GLY A CA  10 
ATOM   613 C C   . GLY A 1 3 ? -0.535 0.029   1.757  1.00 0.00 ? 3 GLY A C   10 
ATOM   614 O O   . GLY A 1 3 ? -0.239 -1.009  2.346  1.00 0.00 ? 3 GLY A O   10 
ATOM   615 H H   . GLY A 1 3 ? 0.229  3.172   1.254  1.00 0.00 ? 3 GLY A H   10 
ATOM   616 H HA2 . GLY A 1 3 ? 0.553  1.269   3.148  1.00 0.00 ? 3 GLY A HA2 10 
ATOM   617 H HA3 . GLY A 1 3 ? -1.056 1.872   2.712  1.00 0.00 ? 3 GLY A HA3 10 
ATOM   618 N N   . CYS A 1 4 ? -1.177 0.044   0.581  1.00 0.00 ? 4 CYS A N   10 
ATOM   619 C CA  . CYS A 1 4 ? -1.569 -1.190  -0.081 1.00 0.00 ? 4 CYS A CA  10 
ATOM   620 C C   . CYS A 1 4 ? -0.550 -2.292  0.188  1.00 0.00 ? 4 CYS A C   10 
ATOM   621 O O   . CYS A 1 4 ? 0.595  -2.216  -0.258 1.00 0.00 ? 4 CYS A O   10 
ATOM   622 C CB  . CYS A 1 4 ? -1.687 -0.956  -1.590 1.00 0.00 ? 4 CYS A CB  10 
ATOM   623 S SG  . CYS A 1 4 ? -2.337 0.709   -1.897 1.00 0.00 ? 4 CYS A SG  10 
ATOM   624 H H   . CYS A 1 4 ? -1.386 0.900   0.148  1.00 0.00 ? 4 CYS A H   10 
ATOM   625 H HA  . CYS A 1 4 ? -2.526 -1.498  0.299  1.00 0.00 ? 4 CYS A HA  10 
ATOM   626 H HB2 . CYS A 1 4 ? -0.713 -1.051  -2.046 1.00 0.00 ? 4 CYS A HB2 10 
ATOM   627 H HB3 . CYS A 1 4 ? -2.357 -1.688  -2.016 1.00 0.00 ? 4 CYS A HB3 10 
ATOM   628 N N   . LYS A 1 5 ? -0.975 -3.315  0.920  1.00 0.00 ? 5 LYS A N   10 
ATOM   629 C CA  . LYS A 1 5 ? -0.091 -4.430  1.244  1.00 0.00 ? 5 LYS A CA  10 
ATOM   630 C C   . LYS A 1 5 ? -0.035 -5.423  0.086  1.00 0.00 ? 5 LYS A C   10 
ATOM   631 O O   . LYS A 1 5 ? -0.867 -6.314  0.056  1.00 0.00 ? 5 LYS A O   10 
ATOM   632 C CB  . LYS A 1 5 ? -0.588 -5.142  2.504  1.00 0.00 ? 5 LYS A CB  10 
ATOM   633 C CG  . LYS A 1 5 ? 0.524  -6.034  3.061  1.00 0.00 ? 5 LYS A CG  10 
ATOM   634 C CD  . LYS A 1 5 ? -0.088 -7.112  3.958  1.00 0.00 ? 5 LYS A CD  10 
ATOM   635 C CE  . LYS A 1 5 ? 0.992  -8.121  4.357  1.00 0.00 ? 5 LYS A CE  10 
ATOM   636 N NZ  . LYS A 1 5 ? 0.601  -9.479  3.883  1.00 0.00 1 5 LYS A NZ  10 
ATOM   637 O OXT . LYS A 1 5 ? 0.839  -5.275  -0.752 1.00 0.00 ? 5 LYS A OXT 10 
ATOM   638 H H   . LYS A 1 5 ? -1.898 -3.321  1.248  1.00 0.00 ? 5 LYS A H   10 
ATOM   639 H HA  . LYS A 1 5 ? 0.901  -4.048  1.428  1.00 0.00 ? 5 LYS A HA  10 
ATOM   640 H HB2 . LYS A 1 5 ? -0.866 -4.407  3.246  1.00 0.00 ? 5 LYS A HB2 10 
ATOM   641 H HB3 . LYS A 1 5 ? -1.445 -5.749  2.261  1.00 0.00 ? 5 LYS A HB3 10 
ATOM   642 H HG2 . LYS A 1 5 ? 1.053  -6.501  2.243  1.00 0.00 ? 5 LYS A HG2 10 
ATOM   643 H HG3 . LYS A 1 5 ? 1.211  -5.434  3.639  1.00 0.00 ? 5 LYS A HG3 10 
ATOM   644 H HD2 . LYS A 1 5 ? -0.497 -6.652  4.845  1.00 0.00 ? 5 LYS A HD2 10 
ATOM   645 H HD3 . LYS A 1 5 ? -0.873 -7.622  3.421  1.00 0.00 ? 5 LYS A HD3 10 
ATOM   646 H HE2 . LYS A 1 5 ? 1.932  -7.840  3.908  1.00 0.00 ? 5 LYS A HE2 10 
ATOM   647 H HE3 . LYS A 1 5 ? 1.095  -8.132  5.433  1.00 0.00 ? 5 LYS A HE3 10 
ATOM   648 H HZ1 . LYS A 1 5 ? 1.391  -9.902  3.355  1.00 0.00 ? 5 LYS A HZ1 10 
ATOM   649 H HZ2 . LYS A 1 5 ? -0.231 -9.404  3.263  1.00 0.00 ? 5 LYS A HZ2 10 
ATOM   650 H HZ3 . LYS A 1 5 ? 0.373  -10.080 4.700  1.00 0.00 ? 5 LYS A HZ3 10 
HETATM 651 N N   . DAL A 1 1 ? 1.106  1.411   -3.866 1.00 0.00 1 1 DAL A N   11 
HETATM 652 C CA  . DAL A 1 1 ? 0.118  1.501   -2.753 1.00 0.00 ? 1 DAL A CA  11 
HETATM 653 C CB  . DAL A 1 1 ? -1.228 0.953   -3.229 1.00 0.00 ? 1 DAL A CB  11 
HETATM 654 C C   . DAL A 1 1 ? -0.031 2.960   -2.326 1.00 0.00 ? 1 DAL A C   11 
HETATM 655 O O   . DAL A 1 1 ? -0.867 3.689   -2.863 1.00 0.00 ? 1 DAL A O   11 
HETATM 656 H H2  . DAL A 1 1 ? 2.037  1.147   -3.482 1.00 0.00 ? 1 DAL A H2  11 
HETATM 657 H H   . DAL A 1 1 ? 0.795  0.690   -4.548 1.00 0.00 ? 1 DAL A H   11 
HETATM 658 H H3  . DAL A 1 1 ? 1.175  2.331   -4.344 1.00 0.00 ? 1 DAL A H3  11 
HETATM 659 H HA  . DAL A 1 1 ? 0.466  0.912   -1.920 1.00 0.00 ? 1 DAL A HA  11 
HETATM 660 H HB1 . DAL A 1 1 ? -1.074 0.015   -3.741 1.00 0.00 ? 1 DAL A HB1 11 
HETATM 661 H HB2 . DAL A 1 1 ? -1.684 1.662   -3.907 1.00 0.00 ? 1 DAL A HB2 11 
ATOM   662 N N   . PRO A 1 2 ? 0.760  3.398   -1.379 1.00 0.00 ? 2 PRO A N   11 
ATOM   663 C CA  . PRO A 1 2 ? 1.779  2.547   -0.710 1.00 0.00 ? 2 PRO A CA  11 
ATOM   664 C C   . PRO A 1 2 ? 1.177  1.706   0.408  1.00 0.00 ? 2 PRO A C   11 
ATOM   665 O O   . PRO A 1 2 ? 1.419  0.503   0.485  1.00 0.00 ? 2 PRO A O   11 
ATOM   666 C CB  . PRO A 1 2 ? 2.778  3.567   -0.169 1.00 0.00 ? 2 PRO A CB  11 
ATOM   667 C CG  . PRO A 1 2 ? 1.968  4.791   0.115  1.00 0.00 ? 2 PRO A CG  11 
ATOM   668 C CD  . PRO A 1 2 ? 0.769  4.769   -0.844 1.00 0.00 ? 2 PRO A CD  11 
ATOM   669 H HA  . PRO A 1 2 ? 2.263  1.908   -1.426 1.00 0.00 ? 2 PRO A HA  11 
ATOM   670 H HB2 . PRO A 1 2 ? 3.240  3.197   0.739  1.00 0.00 ? 2 PRO A HB2 11 
ATOM   671 H HB3 . PRO A 1 2 ? 3.531  3.788   -0.911 1.00 0.00 ? 2 PRO A HB3 11 
ATOM   672 H HG2 . PRO A 1 2 ? 1.624  4.775   1.141  1.00 0.00 ? 2 PRO A HG2 11 
ATOM   673 H HG3 . PRO A 1 2 ? 2.558  5.675   -0.064 1.00 0.00 ? 2 PRO A HG3 11 
ATOM   674 H HD2 . PRO A 1 2 ? -0.147 4.976   -0.308 1.00 0.00 ? 2 PRO A HD2 11 
ATOM   675 H HD3 . PRO A 1 2 ? 0.912  5.480   -1.644 1.00 0.00 ? 2 PRO A HD3 11 
ATOM   676 N N   . GLY A 1 3 ? 0.376  2.333   1.266  1.00 0.00 ? 3 GLY A N   11 
ATOM   677 C CA  . GLY A 1 3 ? -0.254 1.594   2.349  1.00 0.00 ? 3 GLY A CA  11 
ATOM   678 C C   . GLY A 1 3 ? -0.609 0.195   1.857  1.00 0.00 ? 3 GLY A C   11 
ATOM   679 O O   . GLY A 1 3 ? -0.323 -0.800  2.524  1.00 0.00 ? 3 GLY A O   11 
ATOM   680 H H   . GLY A 1 3 ? 0.198  3.291   1.160  1.00 0.00 ? 3 GLY A H   11 
ATOM   681 H HA2 . GLY A 1 3 ? 0.434  1.529   3.194  1.00 0.00 ? 3 GLY A HA2 11 
ATOM   682 H HA3 . GLY A 1 3 ? -1.154 2.104   2.657  1.00 0.00 ? 3 GLY A HA3 11 
ATOM   683 N N   . CYS A 1 4 ? -1.229 0.125   0.673  1.00 0.00 ? 4 CYS A N   11 
ATOM   684 C CA  . CYS A 1 4 ? -1.606 -1.154  0.091  1.00 0.00 ? 4 CYS A CA  11 
ATOM   685 C C   . CYS A 1 4 ? -0.534 -2.203  0.367  1.00 0.00 ? 4 CYS A C   11 
ATOM   686 O O   . CYS A 1 4 ? 0.660  -1.932  0.249  1.00 0.00 ? 4 CYS A O   11 
ATOM   687 C CB  . CYS A 1 4 ? -1.798 -1.002  -1.421 1.00 0.00 ? 4 CYS A CB  11 
ATOM   688 S SG  . CYS A 1 4 ? -2.312 0.695   -1.800 1.00 0.00 ? 4 CYS A SG  11 
ATOM   689 H H   . CYS A 1 4 ? -1.433 0.949   0.177  1.00 0.00 ? 4 CYS A H   11 
ATOM   690 H HA  . CYS A 1 4 ? -2.533 -1.475  0.530  1.00 0.00 ? 4 CYS A HA  11 
ATOM   691 H HB2 . CYS A 1 4 ? -0.868 -1.217  -1.924 1.00 0.00 ? 4 CYS A HB2 11 
ATOM   692 H HB3 . CYS A 1 4 ? -2.558 -1.692  -1.758 1.00 0.00 ? 4 CYS A HB3 11 
ATOM   693 N N   . LYS A 1 5 ? -0.971 -3.405  0.734  1.00 0.00 ? 5 LYS A N   11 
ATOM   694 C CA  . LYS A 1 5 ? -0.039 -4.489  1.022  1.00 0.00 ? 5 LYS A CA  11 
ATOM   695 C C   . LYS A 1 5 ? -0.325 -5.693  0.130  1.00 0.00 ? 5 LYS A C   11 
ATOM   696 O O   . LYS A 1 5 ? -0.211 -6.806  0.615  1.00 0.00 ? 5 LYS A O   11 
ATOM   697 C CB  . LYS A 1 5 ? -0.153 -4.900  2.491  1.00 0.00 ? 5 LYS A CB  11 
ATOM   698 C CG  . LYS A 1 5 ? 0.365  -3.769  3.381  1.00 0.00 ? 5 LYS A CG  11 
ATOM   699 C CD  . LYS A 1 5 ? -0.588 -3.566  4.558  1.00 0.00 ? 5 LYS A CD  11 
ATOM   700 C CE  . LYS A 1 5 ? -0.451 -4.738  5.533  1.00 0.00 ? 5 LYS A CE  11 
ATOM   701 N NZ  . LYS A 1 5 ? -1.373 -4.536  6.687  1.00 0.00 1 5 LYS A NZ  11 
ATOM   702 O OXT . LYS A 1 5 ? -0.656 -5.484  -1.026 1.00 0.00 ? 5 LYS A OXT 11 
ATOM   703 H H   . LYS A 1 5 ? -1.934 -3.564  0.811  1.00 0.00 ? 5 LYS A H   11 
ATOM   704 H HA  . LYS A 1 5 ? 0.968  -4.145  0.834  1.00 0.00 ? 5 LYS A HA  11 
ATOM   705 H HB2 . LYS A 1 5 ? -1.189 -5.101  2.728  1.00 0.00 ? 5 LYS A HB2 11 
ATOM   706 H HB3 . LYS A 1 5 ? 0.435  -5.789  2.663  1.00 0.00 ? 5 LYS A HB3 11 
ATOM   707 H HG2 . LYS A 1 5 ? 1.347  -4.024  3.750  1.00 0.00 ? 5 LYS A HG2 11 
ATOM   708 H HG3 . LYS A 1 5 ? 0.422  -2.857  2.806  1.00 0.00 ? 5 LYS A HG3 11 
ATOM   709 H HD2 . LYS A 1 5 ? -0.343 -2.645  5.066  1.00 0.00 ? 5 LYS A HD2 11 
ATOM   710 H HD3 . LYS A 1 5 ? -1.605 -3.519  4.197  1.00 0.00 ? 5 LYS A HD3 11 
ATOM   711 H HE2 . LYS A 1 5 ? -0.705 -5.658  5.028  1.00 0.00 ? 5 LYS A HE2 11 
ATOM   712 H HE3 . LYS A 1 5 ? 0.567  -4.793  5.889  1.00 0.00 ? 5 LYS A HE3 11 
ATOM   713 H HZ1 . LYS A 1 5 ? -0.951 -3.856  7.351  1.00 0.00 ? 5 LYS A HZ1 11 
ATOM   714 H HZ2 . LYS A 1 5 ? -1.527 -5.444  7.171  1.00 0.00 ? 5 LYS A HZ2 11 
ATOM   715 H HZ3 . LYS A 1 5 ? -2.282 -4.164  6.345  1.00 0.00 ? 5 LYS A HZ3 11 
HETATM 716 N N   . DAL A 1 1 ? 1.067  1.651   -3.890 1.00 0.00 1 1 DAL A N   12 
HETATM 717 C CA  . DAL A 1 1 ? 0.070  1.646   -2.782 1.00 0.00 ? 1 DAL A CA  12 
HETATM 718 C CB  . DAL A 1 1 ? -1.265 1.116   -3.306 1.00 0.00 ? 1 DAL A CB  12 
HETATM 719 C C   . DAL A 1 1 ? -0.105 3.069   -2.253 1.00 0.00 ? 1 DAL A C   12 
HETATM 720 O O   . DAL A 1 1 ? -0.970 3.812   -2.718 1.00 0.00 ? 1 DAL A O   12 
HETATM 721 H H2  . DAL A 1 1 ? 0.711  1.073   -4.679 1.00 0.00 ? 1 DAL A H2  12 
HETATM 722 H H   . DAL A 1 1 ? 1.220  2.626   -4.215 1.00 0.00 ? 1 DAL A H   12 
HETATM 723 H H3  . DAL A 1 1 ? 1.967  1.256   -3.548 1.00 0.00 ? 1 DAL A H3  12 
HETATM 724 H HA  . DAL A 1 1 ? 0.421  1.006   -1.989 1.00 0.00 ? 1 DAL A HA  12 
HETATM 725 H HB1 . DAL A 1 1 ? -1.091 0.234   -3.906 1.00 0.00 ? 1 DAL A HB1 12 
HETATM 726 H HB2 . DAL A 1 1 ? -1.741 1.875   -3.909 1.00 0.00 ? 1 DAL A HB2 12 
ATOM   727 N N   . PRO A 1 2 ? 0.700  3.459   -1.298 1.00 0.00 ? 2 PRO A N   12 
ATOM   728 C CA  . PRO A 1 2 ? 1.753  2.586   -0.716 1.00 0.00 ? 2 PRO A CA  12 
ATOM   729 C C   . PRO A 1 2 ? 1.199  1.663   0.363  1.00 0.00 ? 2 PRO A C   12 
ATOM   730 O O   . PRO A 1 2 ? 1.462  0.461   0.353  1.00 0.00 ? 2 PRO A O   12 
ATOM   731 C CB  . PRO A 1 2 ? 2.753  3.587   -0.143 1.00 0.00 ? 2 PRO A CB  12 
ATOM   732 C CG  . PRO A 1 2 ? 1.934  4.780   0.241  1.00 0.00 ? 2 PRO A CG  12 
ATOM   733 C CD  . PRO A 1 2 ? 0.696  4.787   -0.667 1.00 0.00 ? 2 PRO A CD  12 
ATOM   734 H HA  . PRO A 1 2 ? 2.224  2.002   -1.487 1.00 0.00 ? 2 PRO A HA  12 
ATOM   735 H HB2 . PRO A 1 2 ? 3.247  3.171   0.725  1.00 0.00 ? 2 PRO A HB2 12 
ATOM   736 H HB3 . PRO A 1 2 ? 3.478  3.866   -0.893 1.00 0.00 ? 2 PRO A HB3 12 
ATOM   737 H HG2 . PRO A 1 2 ? 1.634  4.701   1.277  1.00 0.00 ? 2 PRO A HG2 12 
ATOM   738 H HG3 . PRO A 1 2 ? 2.501  5.683   0.087  1.00 0.00 ? 2 PRO A HG3 12 
ATOM   739 H HD2 . PRO A 1 2 ? -0.201 4.929   -0.081 1.00 0.00 ? 2 PRO A HD2 12 
ATOM   740 H HD3 . PRO A 1 2 ? 0.784  5.557   -1.420 1.00 0.00 ? 2 PRO A HD3 12 
ATOM   741 N N   . GLY A 1 3 ? 0.417  2.220   1.285  1.00 0.00 ? 3 GLY A N   12 
ATOM   742 C CA  . GLY A 1 3 ? -0.166 1.400   2.336  1.00 0.00 ? 3 GLY A CA  12 
ATOM   743 C C   . GLY A 1 3 ? -0.532 0.035   1.757  1.00 0.00 ? 3 GLY A C   12 
ATOM   744 O O   . GLY A 1 3 ? -0.232 -1.001  2.352  1.00 0.00 ? 3 GLY A O   12 
ATOM   745 H H   . GLY A 1 3 ? 0.222  3.180   1.247  1.00 0.00 ? 3 GLY A H   12 
ATOM   746 H HA2 . GLY A 1 3 ? 0.553  1.281   3.149  1.00 0.00 ? 3 GLY A HA2 12 
ATOM   747 H HA3 . GLY A 1 3 ? -1.058 1.879   2.711  1.00 0.00 ? 3 GLY A HA3 12 
ATOM   748 N N   . CYS A 1 4 ? -1.170 0.045   0.582  1.00 0.00 ? 4 CYS A N   12 
ATOM   749 C CA  . CYS A 1 4 ? -1.558 -1.191  -0.078 1.00 0.00 ? 4 CYS A CA  12 
ATOM   750 C C   . CYS A 1 4 ? -0.540 -2.291  0.204  1.00 0.00 ? 4 CYS A C   12 
ATOM   751 O O   . CYS A 1 4 ? 0.616  -2.202  -0.209 1.00 0.00 ? 4 CYS A O   12 
ATOM   752 C CB  . CYS A 1 4 ? -1.664 -0.962  -1.589 1.00 0.00 ? 4 CYS A CB  12 
ATOM   753 S SG  . CYS A 1 4 ? -2.335 0.691   -1.906 1.00 0.00 ? 4 CYS A SG  12 
ATOM   754 H H   . CYS A 1 4 ? -1.381 0.900   0.146  1.00 0.00 ? 4 CYS A H   12 
ATOM   755 H HA  . CYS A 1 4 ? -2.517 -1.497  0.296  1.00 0.00 ? 4 CYS A HA  12 
ATOM   756 H HB2 . CYS A 1 4 ? -0.684 -1.044  -2.035 1.00 0.00 ? 4 CYS A HB2 12 
ATOM   757 H HB3 . CYS A 1 4 ? -2.319 -1.705  -2.020 1.00 0.00 ? 4 CYS A HB3 12 
ATOM   758 N N   . LYS A 1 5 ? -0.979 -3.328  0.908  1.00 0.00 ? 5 LYS A N   12 
ATOM   759 C CA  . LYS A 1 5 ? -0.100 -4.442  1.240  1.00 0.00 ? 5 LYS A CA  12 
ATOM   760 C C   . LYS A 1 5 ? -0.665 -5.751  0.700  1.00 0.00 ? 5 LYS A C   12 
ATOM   761 O O   . LYS A 1 5 ? -1.381 -6.413  1.435  1.00 0.00 ? 5 LYS A O   12 
ATOM   762 C CB  . LYS A 1 5 ? 0.066  -4.542  2.758  1.00 0.00 ? 5 LYS A CB  12 
ATOM   763 C CG  . LYS A 1 5 ? 1.205  -5.511  3.083  1.00 0.00 ? 5 LYS A CG  12 
ATOM   764 C CD  . LYS A 1 5 ? 1.619  -5.339  4.545  1.00 0.00 ? 5 LYS A CD  12 
ATOM   765 C CE  . LYS A 1 5 ? 2.764  -6.302  4.869  1.00 0.00 ? 5 LYS A CE  12 
ATOM   766 N NZ  . LYS A 1 5 ? 2.929  -6.398  6.346  1.00 0.00 1 5 LYS A NZ  12 
ATOM   767 O OXT . LYS A 1 5 ? -0.375 -6.073  -0.441 1.00 0.00 ? 5 LYS A OXT 12 
ATOM   768 H H   . LYS A 1 5 ? -1.912 -3.344  1.209  1.00 0.00 ? 5 LYS A H   12 
ATOM   769 H HA  . LYS A 1 5 ? 0.868  -4.269  0.796  1.00 0.00 ? 5 LYS A HA  12 
ATOM   770 H HB2 . LYS A 1 5 ? 0.296  -3.567  3.160  1.00 0.00 ? 5 LYS A HB2 12 
ATOM   771 H HB3 . LYS A 1 5 ? -0.851 -4.907  3.197  1.00 0.00 ? 5 LYS A HB3 12 
ATOM   772 H HG2 . LYS A 1 5 ? 0.871  -6.526  2.920  1.00 0.00 ? 5 LYS A HG2 12 
ATOM   773 H HG3 . LYS A 1 5 ? 2.049  -5.303  2.444  1.00 0.00 ? 5 LYS A HG3 12 
ATOM   774 H HD2 . LYS A 1 5 ? 1.946  -4.322  4.709  1.00 0.00 ? 5 LYS A HD2 12 
ATOM   775 H HD3 . LYS A 1 5 ? 0.778  -5.555  5.187  1.00 0.00 ? 5 LYS A HD3 12 
ATOM   776 H HE2 . LYS A 1 5 ? 2.536  -7.279  4.467  1.00 0.00 ? 5 LYS A HE2 12 
ATOM   777 H HE3 . LYS A 1 5 ? 3.679  -5.935  4.426  1.00 0.00 ? 5 LYS A HE3 12 
ATOM   778 H HZ1 . LYS A 1 5 ? 1.997  -6.500  6.794  1.00 0.00 ? 5 LYS A HZ1 12 
ATOM   779 H HZ2 . LYS A 1 5 ? 3.393  -5.536  6.699  1.00 0.00 ? 5 LYS A HZ2 12 
ATOM   780 H HZ3 . LYS A 1 5 ? 3.514  -7.226  6.576  1.00 0.00 ? 5 LYS A HZ3 12 
HETATM 781 N N   . DAL A 1 1 ? 1.074  1.789   -3.878 1.00 0.00 1 1 DAL A N   13 
HETATM 782 C CA  . DAL A 1 1 ? 0.055  1.707   -2.793 1.00 0.00 ? 1 DAL A CA  13 
HETATM 783 C CB  . DAL A 1 1 ? -1.250 1.150   -3.367 1.00 0.00 ? 1 DAL A CB  13 
HETATM 784 C C   . DAL A 1 1 ? -0.182 3.098   -2.213 1.00 0.00 ? 1 DAL A C   13 
HETATM 785 O O   . DAL A 1 1 ? -1.086 3.816   -2.642 1.00 0.00 ? 1 DAL A O   13 
HETATM 786 H H2  . DAL A 1 1 ? 0.757  2.468   -4.599 1.00 0.00 ? 1 DAL A H2  13 
HETATM 787 H H   . DAL A 1 1 ? 1.980  2.107   -3.478 1.00 0.00 ? 1 DAL A H   13 
HETATM 788 H H3  . DAL A 1 1 ? 1.198  0.853   -4.310 1.00 0.00 ? 1 DAL A H3  13 
HETATM 789 H HA  . DAL A 1 1 ? 0.412  1.046   -2.018 1.00 0.00 ? 1 DAL A HA  13 
HETATM 790 H HB1 . DAL A 1 1 ? -1.032 0.301   -3.999 1.00 0.00 ? 1 DAL A HB1 13 
HETATM 791 H HB2 . DAL A 1 1 ? -1.741 1.916   -3.951 1.00 0.00 ? 1 DAL A HB2 13 
ATOM   792 N N   . PRO A 1 2 ? 0.616  3.488   -1.255 1.00 0.00 ? 2 PRO A N   13 
ATOM   793 C CA  . PRO A 1 2 ? 1.713  2.643   -0.721 1.00 0.00 ? 2 PRO A CA  13 
ATOM   794 C C   . PRO A 1 2 ? 1.219  1.667   0.339  1.00 0.00 ? 2 PRO A C   13 
ATOM   795 O O   . PRO A 1 2 ? 1.531  0.478   0.288  1.00 0.00 ? 2 PRO A O   13 
ATOM   796 C CB  . PRO A 1 2 ? 2.683  3.667   -0.136 1.00 0.00 ? 2 PRO A CB  13 
ATOM   797 C CG  . PRO A 1 2 ? 1.822  4.809   0.304  1.00 0.00 ? 2 PRO A CG  13 
ATOM   798 C CD  . PRO A 1 2 ? 0.563  4.792   -0.576 1.00 0.00 ? 2 PRO A CD  13 
ATOM   799 H HA  . PRO A 1 2 ? 2.191  2.103   -1.518 1.00 0.00 ? 2 PRO A HA  13 
ATOM   800 H HB2 . PRO A 1 2 ? 3.213  3.245   0.707  1.00 0.00 ? 2 PRO A HB2 13 
ATOM   801 H HB3 . PRO A 1 2 ? 3.379  4.001   -0.891 1.00 0.00 ? 2 PRO A HB3 13 
ATOM   802 H HG2 . PRO A 1 2 ? 1.551  4.687   1.344  1.00 0.00 ? 2 PRO A HG2 13 
ATOM   803 H HG3 . PRO A 1 2 ? 2.346  5.743   0.165  1.00 0.00 ? 2 PRO A HG3 13 
ATOM   804 H HD2 . PRO A 1 2 ? -0.327 4.867   0.035  1.00 0.00 ? 2 PRO A HD2 13 
ATOM   805 H HD3 . PRO A 1 2 ? 0.595  5.591   -1.300 1.00 0.00 ? 2 PRO A HD3 13 
ATOM   806 N N   . GLY A 1 3 ? 0.433  2.163   1.289  1.00 0.00 ? 3 GLY A N   13 
ATOM   807 C CA  . GLY A 1 3 ? -0.099 1.291   2.324  1.00 0.00 ? 3 GLY A CA  13 
ATOM   808 C C   . GLY A 1 3 ? -0.469 -0.054  1.702  1.00 0.00 ? 3 GLY A C   13 
ATOM   809 O O   . GLY A 1 3 ? -0.170 -1.110  2.260  1.00 0.00 ? 3 GLY A O   13 
ATOM   810 H H   . GLY A 1 3 ? 0.196  3.114   1.284  1.00 0.00 ? 3 GLY A H   13 
ATOM   811 H HA2 . GLY A 1 3 ? 0.653  1.147   3.103  1.00 0.00 ? 3 GLY A HA2 13 
ATOM   812 H HA3 . GLY A 1 3 ? -0.982 1.737   2.754  1.00 0.00 ? 3 GLY A HA3 13 
ATOM   813 N N   . CYS A 1 4 ? -1.115 -0.004  0.531  1.00 0.00 ? 4 CYS A N   13 
ATOM   814 C CA  . CYS A 1 4 ? -1.510 -1.218  -0.166 1.00 0.00 ? 4 CYS A CA  13 
ATOM   815 C C   . CYS A 1 4 ? -0.545 -2.355  0.143  1.00 0.00 ? 4 CYS A C   13 
ATOM   816 O O   . CYS A 1 4 ? 0.576  -2.389  -0.366 1.00 0.00 ? 4 CYS A O   13 
ATOM   817 C CB  . CYS A 1 4 ? -1.538 -0.964  -1.677 1.00 0.00 ? 4 CYS A CB  13 
ATOM   818 S SG  . CYS A 1 4 ? -2.332 0.631   -2.010 1.00 0.00 ? 4 CYS A SG  13 
ATOM   819 H H   . CYS A 1 4 ? -1.328 0.866   0.126  1.00 0.00 ? 4 CYS A H   13 
ATOM   820 H HA  . CYS A 1 4 ? -2.495 -1.497  0.156  1.00 0.00 ? 4 CYS A HA  13 
ATOM   821 H HB2 . CYS A 1 4 ? -0.528 -0.949  -2.058 1.00 0.00 ? 4 CYS A HB2 13 
ATOM   822 H HB3 . CYS A 1 4 ? -2.095 -1.751  -2.162 1.00 0.00 ? 4 CYS A HB3 13 
ATOM   823 N N   . LYS A 1 5 ? -0.989 -3.284  0.982  1.00 0.00 ? 5 LYS A N   13 
ATOM   824 C CA  . LYS A 1 5 ? -0.160 -4.423  1.356  1.00 0.00 ? 5 LYS A CA  13 
ATOM   825 C C   . LYS A 1 5 ? -0.633 -5.687  0.643  1.00 0.00 ? 5 LYS A C   13 
ATOM   826 O O   . LYS A 1 5 ? 0.090  -6.668  0.676  1.00 0.00 ? 5 LYS A O   13 
ATOM   827 C CB  . LYS A 1 5 ? -0.220 -4.638  2.870  1.00 0.00 ? 5 LYS A CB  13 
ATOM   828 C CG  . LYS A 1 5 ? 1.096  -4.184  3.505  1.00 0.00 ? 5 LYS A CG  13 
ATOM   829 C CD  . LYS A 1 5 ? 0.977  -4.246  5.029  1.00 0.00 ? 5 LYS A CD  13 
ATOM   830 C CE  . LYS A 1 5 ? 2.158  -3.510  5.663  1.00 0.00 ? 5 LYS A CE  13 
ATOM   831 N NZ  . LYS A 1 5 ? 3.360  -4.392  5.646  1.00 0.00 1 5 LYS A NZ  13 
ATOM   832 O OXT . LYS A 1 5 ? -1.713 -5.653  0.075  1.00 0.00 ? 5 LYS A OXT 13 
ATOM   833 H H   . LYS A 1 5 ? -1.891 -3.199  1.353  1.00 0.00 ? 5 LYS A H   13 
ATOM   834 H HA  . LYS A 1 5 ? 0.861  -4.223  1.072  1.00 0.00 ? 5 LYS A HA  13 
ATOM   835 H HB2 . LYS A 1 5 ? -1.038 -4.064  3.283  1.00 0.00 ? 5 LYS A HB2 13 
ATOM   836 H HB3 . LYS A 1 5 ? -0.376 -5.686  3.079  1.00 0.00 ? 5 LYS A HB3 13 
ATOM   837 H HG2 . LYS A 1 5 ? 1.896  -4.834  3.178  1.00 0.00 ? 5 LYS A HG2 13 
ATOM   838 H HG3 . LYS A 1 5 ? 1.310  -3.170  3.203  1.00 0.00 ? 5 LYS A HG3 13 
ATOM   839 H HD2 . LYS A 1 5 ? 0.053  -3.777  5.337  1.00 0.00 ? 5 LYS A HD2 13 
ATOM   840 H HD3 . LYS A 1 5 ? 0.983  -5.277  5.349  1.00 0.00 ? 5 LYS A HD3 13 
ATOM   841 H HE2 . LYS A 1 5 ? 2.365  -2.610  5.103  1.00 0.00 ? 5 LYS A HE2 13 
ATOM   842 H HE3 . LYS A 1 5 ? 1.916  -3.251  6.683  1.00 0.00 ? 5 LYS A HE3 13 
ATOM   843 H HZ1 . LYS A 1 5 ? 3.443  -4.882  6.560  1.00 0.00 ? 5 LYS A HZ1 13 
ATOM   844 H HZ2 . LYS A 1 5 ? 4.212  -3.815  5.483  1.00 0.00 ? 5 LYS A HZ2 13 
ATOM   845 H HZ3 . LYS A 1 5 ? 3.265  -5.094  4.886  1.00 0.00 ? 5 LYS A HZ3 13 
HETATM 846 N N   . DAL A 1 1 ? 1.149  1.382   -3.848 1.00 0.00 1 1 DAL A N   14 
HETATM 847 C CA  . DAL A 1 1 ? 0.143  1.464   -2.753 1.00 0.00 ? 1 DAL A CA  14 
HETATM 848 C CB  . DAL A 1 1 ? -1.182 0.874   -3.236 1.00 0.00 ? 1 DAL A CB  14 
HETATM 849 C C   . DAL A 1 1 ? -0.051 2.926   -2.351 1.00 0.00 ? 1 DAL A C   14 
HETATM 850 O O   . DAL A 1 1 ? -0.902 3.623   -2.905 1.00 0.00 ? 1 DAL A O   14 
HETATM 851 H H2  . DAL A 1 1 ? 0.999  0.505   -4.389 1.00 0.00 ? 1 DAL A H2  14 
HETATM 852 H H   . DAL A 1 1 ? 1.044  2.202   -4.478 1.00 0.00 ? 1 DAL A H   14 
HETATM 853 H H3  . DAL A 1 1 ? 2.105  1.380   -3.441 1.00 0.00 ? 1 DAL A H3  14 
HETATM 854 H HA  . DAL A 1 1 ? 0.494  0.899   -1.904 1.00 0.00 ? 1 DAL A HA  14 
HETATM 855 H HB1 . DAL A 1 1 ? -0.999 -0.074  -3.722 1.00 0.00 ? 1 DAL A HB1 14 
HETATM 856 H HB2 . DAL A 1 1 ? -1.642 1.554   -3.938 1.00 0.00 ? 1 DAL A HB2 14 
ATOM   857 N N   . PRO A 1 2 ? 0.723  3.401   -1.407 1.00 0.00 ? 2 PRO A N   14 
ATOM   858 C CA  . PRO A 1 2 ? 1.760  2.588   -0.718 1.00 0.00 ? 2 PRO A CA  14 
ATOM   859 C C   . PRO A 1 2 ? 1.175  1.752   0.413  1.00 0.00 ? 2 PRO A C   14 
ATOM   860 O O   . PRO A 1 2 ? 1.447  0.555   0.509  1.00 0.00 ? 2 PRO A O   14 
ATOM   861 C CB  . PRO A 1 2 ? 2.733  3.643   -0.194 1.00 0.00 ? 2 PRO A CB  14 
ATOM   862 C CG  . PRO A 1 2 ? 1.893  4.854   0.061  1.00 0.00 ? 2 PRO A CG  14 
ATOM   863 C CD  . PRO A 1 2 ? 0.695  4.780   -0.896 1.00 0.00 ? 2 PRO A CD  14 
ATOM   864 H HA  . PRO A 1 2 ? 2.262  1.949   -1.421 1.00 0.00 ? 2 PRO A HA  14 
ATOM   865 H HB2 . PRO A 1 2 ? 3.199  3.303   0.722  1.00 0.00 ? 2 PRO A HB2 14 
ATOM   866 H HB3 . PRO A 1 2 ? 3.483  3.866   -0.939 1.00 0.00 ? 2 PRO A HB3 14 
ATOM   867 H HG2 . PRO A 1 2 ? 1.550  4.854   1.088  1.00 0.00 ? 2 PRO A HG2 14 
ATOM   868 H HG3 . PRO A 1 2 ? 2.461  5.747   -0.139 1.00 0.00 ? 2 PRO A HG3 14 
ATOM   869 H HD2 . PRO A 1 2 ? -0.226 4.970   -0.362 1.00 0.00 ? 2 PRO A HD2 14 
ATOM   870 H HD3 . PRO A 1 2 ? 0.815  5.481   -1.707 1.00 0.00 ? 2 PRO A HD3 14 
ATOM   871 N N   . GLY A 1 3 ? 0.357  2.374   1.258  1.00 0.00 ? 3 GLY A N   14 
ATOM   872 C CA  . GLY A 1 3 ? -0.257 1.640   2.354  1.00 0.00 ? 3 GLY A CA  14 
ATOM   873 C C   . GLY A 1 3 ? -0.604 0.230   1.883  1.00 0.00 ? 3 GLY A C   14 
ATOM   874 O O   . GLY A 1 3 ? -0.315 -0.752  2.568  1.00 0.00 ? 3 GLY A O   14 
ATOM   875 H H   . GLY A 1 3 ? 0.158  3.325   1.136  1.00 0.00 ? 3 GLY A H   14 
ATOM   876 H HA2 . GLY A 1 3 ? 0.436  1.591   3.195  1.00 0.00 ? 3 GLY A HA2 14 
ATOM   877 H HA3 . GLY A 1 3 ? -1.161 2.144   2.662  1.00 0.00 ? 3 GLY A HA3 14 
ATOM   878 N N   . CYS A 1 4 ? -1.218 0.136   0.698  1.00 0.00 ? 4 CYS A N   14 
ATOM   879 C CA  . CYS A 1 4 ? -1.584 -1.156  0.140  1.00 0.00 ? 4 CYS A CA  14 
ATOM   880 C C   . CYS A 1 4 ? -0.532 -2.207  0.476  1.00 0.00 ? 4 CYS A C   14 
ATOM   881 O O   . CYS A 1 4 ? 0.656  -1.900  0.572  1.00 0.00 ? 4 CYS A O   14 
ATOM   882 C CB  . CYS A 1 4 ? -1.729 -1.045  -1.381 1.00 0.00 ? 4 CYS A CB  14 
ATOM   883 S SG  . CYS A 1 4 ? -2.284 0.623   -1.818 1.00 0.00 ? 4 CYS A SG  14 
ATOM   884 H H   . CYS A 1 4 ? -1.424 0.949   0.186  1.00 0.00 ? 4 CYS A H   14 
ATOM   885 H HA  . CYS A 1 4 ? -2.526 -1.459  0.556  1.00 0.00 ? 4 CYS A HA  14 
ATOM   886 H HB2 . CYS A 1 4 ? -0.777 -1.242  -1.849 1.00 0.00 ? 4 CYS A HB2 14 
ATOM   887 H HB3 . CYS A 1 4 ? -2.455 -1.767  -1.726 1.00 0.00 ? 4 CYS A HB3 14 
ATOM   888 N N   . LYS A 1 5 ? -0.976 -3.446  0.653  1.00 0.00 ? 5 LYS A N   14 
ATOM   889 C CA  . LYS A 1 5 ? -0.062 -4.536  0.978  1.00 0.00 ? 5 LYS A CA  14 
ATOM   890 C C   . LYS A 1 5 ? 0.860  -4.830  -0.202 1.00 0.00 ? 5 LYS A C   14 
ATOM   891 O O   . LYS A 1 5 ? 0.349  -5.143  -1.263 1.00 0.00 ? 5 LYS A O   14 
ATOM   892 C CB  . LYS A 1 5 ? -0.856 -5.794  1.333  1.00 0.00 ? 5 LYS A CB  14 
ATOM   893 C CG  . LYS A 1 5 ? 0.088  -6.840  1.930  1.00 0.00 ? 5 LYS A CG  14 
ATOM   894 C CD  . LYS A 1 5 ? -0.496 -8.237  1.712  1.00 0.00 ? 5 LYS A CD  14 
ATOM   895 C CE  . LYS A 1 5 ? -0.284 -8.657  0.256  1.00 0.00 ? 5 LYS A CE  14 
ATOM   896 N NZ  . LYS A 1 5 ? -0.327 -10.144 0.158  1.00 0.00 1 5 LYS A NZ  14 
ATOM   897 O OXT . LYS A 1 5 ? 2.064  -4.734  -0.025 1.00 0.00 ? 5 LYS A OXT 14 
ATOM   898 H H   . LYS A 1 5 ? -1.935 -3.632  0.564  1.00 0.00 ? 5 LYS A H   14 
ATOM   899 H HA  . LYS A 1 5 ? 0.536  -4.249  1.829  1.00 0.00 ? 5 LYS A HA  14 
ATOM   900 H HB2 . LYS A 1 5 ? -1.622 -5.545  2.052  1.00 0.00 ? 5 LYS A HB2 14 
ATOM   901 H HB3 . LYS A 1 5 ? -1.315 -6.194  0.441  1.00 0.00 ? 5 LYS A HB3 14 
ATOM   902 H HG2 . LYS A 1 5 ? 1.052  -6.771  1.449  1.00 0.00 ? 5 LYS A HG2 14 
ATOM   903 H HG3 . LYS A 1 5 ? 0.199  -6.662  2.990  1.00 0.00 ? 5 LYS A HG3 14 
ATOM   904 H HD2 . LYS A 1 5 ? 0.000  -8.940  2.365  1.00 0.00 ? 5 LYS A HD2 14 
ATOM   905 H HD3 . LYS A 1 5 ? -1.553 -8.225  1.930  1.00 0.00 ? 5 LYS A HD3 14 
ATOM   906 H HE2 . LYS A 1 5 ? -1.065 -8.233  -0.359 1.00 0.00 ? 5 LYS A HE2 14 
ATOM   907 H HE3 . LYS A 1 5 ? 0.676  -8.301  -0.086 1.00 0.00 ? 5 LYS A HE3 14 
ATOM   908 H HZ1 . LYS A 1 5 ? -0.084 -10.559 1.078  1.00 0.00 ? 5 LYS A HZ1 14 
ATOM   909 H HZ2 . LYS A 1 5 ? 0.356  -10.463 -0.561 1.00 0.00 ? 5 LYS A HZ2 14 
ATOM   910 H HZ3 . LYS A 1 5 ? -1.284 -10.446 -0.115 1.00 0.00 ? 5 LYS A HZ3 14 
HETATM 911 N N   . DAL A 1 1 ? 1.017  1.673   -3.899 1.00 0.00 1 1 DAL A N   15 
HETATM 912 C CA  . DAL A 1 1 ? 0.045  1.690   -2.769 1.00 0.00 ? 1 DAL A CA  15 
HETATM 913 C CB  . DAL A 1 1 ? -1.327 1.244   -3.278 1.00 0.00 ? 1 DAL A CB  15 
HETATM 914 C C   . DAL A 1 1 ? -0.043 3.106   -2.199 1.00 0.00 ? 1 DAL A C   15 
HETATM 915 O O   . DAL A 1 1 ? -0.869 3.908   -2.635 1.00 0.00 ? 1 DAL A O   15 
HETATM 916 H H2  . DAL A 1 1 ? 0.590  2.129   -4.731 1.00 0.00 ? 1 DAL A H2  15 
HETATM 917 H H   . DAL A 1 1 ? 1.877  2.188   -3.623 1.00 0.00 ? 1 DAL A H   15 
HETATM 918 H H3  . DAL A 1 1 ? 1.264  0.690   -4.129 1.00 0.00 ? 1 DAL A H3  15 
HETATM 919 H HA  . DAL A 1 1 ? 0.378  1.011   -2.002 1.00 0.00 ? 1 DAL A HA  15 
HETATM 920 H HB1 . DAL A 1 1 ? -1.211 0.375   -3.910 1.00 0.00 ? 1 DAL A HB1 15 
HETATM 921 H HB2 . DAL A 1 1 ? -1.778 2.045   -3.846 1.00 0.00 ? 1 DAL A HB2 15 
ATOM   922 N N   . PRO A 1 2 ? 0.792  3.423   -1.243 1.00 0.00 ? 2 PRO A N   15 
ATOM   923 C CA  . PRO A 1 2 ? 1.800  2.477   -0.697 1.00 0.00 ? 2 PRO A CA  15 
ATOM   924 C C   . PRO A 1 2 ? 1.203  1.551   0.357  1.00 0.00 ? 2 PRO A C   15 
ATOM   925 O O   . PRO A 1 2 ? 1.408  0.338   0.310  1.00 0.00 ? 2 PRO A O   15 
ATOM   926 C CB  . PRO A 1 2 ? 2.855  3.404   -0.098 1.00 0.00 ? 2 PRO A CB  15 
ATOM   927 C CG  . PRO A 1 2 ? 2.107  4.628   0.322  1.00 0.00 ? 2 PRO A CG  15 
ATOM   928 C CD  . PRO A 1 2 ? 0.868  4.733   -0.578 1.00 0.00 ? 2 PRO A CD  15 
ATOM   929 H HA  . PRO A 1 2 ? 2.234  1.895   -1.489 1.00 0.00 ? 2 PRO A HA  15 
ATOM   930 H HB2 . PRO A 1 2 ? 3.327  2.935   0.755  1.00 0.00 ? 2 PRO A HB2 15 
ATOM   931 H HB3 . PRO A 1 2 ? 3.595  3.663   -0.843 1.00 0.00 ? 2 PRO A HB3 15 
ATOM   932 H HG2 . PRO A 1 2 ? 1.808  4.539   1.358  1.00 0.00 ? 2 PRO A HG2 15 
ATOM   933 H HG3 . PRO A 1 2 ? 2.725  5.502   0.190  1.00 0.00 ? 2 PRO A HG3 15 
ATOM   934 H HD2 . PRO A 1 2 ? -0.017 4.910   0.017  1.00 0.00 ? 2 PRO A HD2 15 
ATOM   935 H HD3 . PRO A 1 2 ? 0.997  5.515   -1.310 1.00 0.00 ? 2 PRO A HD3 15 
ATOM   936 N N   . GLY A 1 3 ? 0.450  2.115   1.296  1.00 0.00 ? 3 GLY A N   15 
ATOM   937 C CA  . GLY A 1 3 ? -0.171 1.294   2.324  1.00 0.00 ? 3 GLY A CA  15 
ATOM   938 C C   . GLY A 1 3 ? -0.582 -0.042  1.710  1.00 0.00 ? 3 GLY A C   15 
ATOM   939 O O   . GLY A 1 3 ? -0.310 -1.104  2.269  1.00 0.00 ? 3 GLY A O   15 
ATOM   940 H H   . GLY A 1 3 ? 0.300  3.085   1.288  1.00 0.00 ? 3 GLY A H   15 
ATOM   941 H HA2 . GLY A 1 3 ? 0.537  1.128   3.136  1.00 0.00 ? 3 GLY A HA2 15 
ATOM   942 H HA3 . GLY A 1 3 ? -1.047 1.795   2.706  1.00 0.00 ? 3 GLY A HA3 15 
ATOM   943 N N   . CYS A 1 4 ? -1.233 0.023   0.542  1.00 0.00 ? 4 CYS A N   15 
ATOM   944 C CA  . CYS A 1 4 ? -1.665 -1.180  -0.152 1.00 0.00 ? 4 CYS A CA  15 
ATOM   945 C C   . CYS A 1 4 ? -0.651 -2.305  0.039  1.00 0.00 ? 4 CYS A C   15 
ATOM   946 O O   . CYS A 1 4 ? 0.341  -2.388  -0.686 1.00 0.00 ? 4 CYS A O   15 
ATOM   947 C CB  . CYS A 1 4 ? -1.829 -0.883  -1.646 1.00 0.00 ? 4 CYS A CB  15 
ATOM   948 S SG  . CYS A 1 4 ? -2.387 0.827   -1.869 1.00 0.00 ? 4 CYS A SG  15 
ATOM   949 H H   . CYS A 1 4 ? -1.422 0.897   0.135  1.00 0.00 ? 4 CYS A H   15 
ATOM   950 H HA  . CYS A 1 4 ? -2.613 -1.489  0.246  1.00 0.00 ? 4 CYS A HA  15 
ATOM   951 H HB2 . CYS A 1 4 ? -0.881 -1.020  -2.147 1.00 0.00 ? 4 CYS A HB2 15 
ATOM   952 H HB3 . CYS A 1 4 ? -2.559 -1.558  -2.069 1.00 0.00 ? 4 CYS A HB3 15 
ATOM   953 N N   . LYS A 1 5 ? -0.907 -3.166  1.018  1.00 0.00 ? 5 LYS A N   15 
ATOM   954 C CA  . LYS A 1 5 ? -0.009 -4.282  1.294  1.00 0.00 ? 5 LYS A CA  15 
ATOM   955 C C   . LYS A 1 5 ? -0.481 -5.540  0.570  1.00 0.00 ? 5 LYS A C   15 
ATOM   956 O O   . LYS A 1 5 ? 0.263  -6.035  -0.261 1.00 0.00 ? 5 LYS A O   15 
ATOM   957 C CB  . LYS A 1 5 ? 0.049  -4.545  2.801  1.00 0.00 ? 5 LYS A CB  15 
ATOM   958 C CG  . LYS A 1 5 ? 1.429  -4.160  3.340  1.00 0.00 ? 5 LYS A CG  15 
ATOM   959 C CD  . LYS A 1 5 ? 1.336  -3.905  4.845  1.00 0.00 ? 5 LYS A CD  15 
ATOM   960 C CE  . LYS A 1 5 ? 1.247  -2.400  5.103  1.00 0.00 ? 5 LYS A CE  15 
ATOM   961 N NZ  . LYS A 1 5 ? 1.131  -2.152  6.568  1.00 0.00 1 5 LYS A NZ  15 
ATOM   962 O OXT . LYS A 1 5 ? -1.577 -5.989  0.859  1.00 0.00 ? 5 LYS A OXT 15 
ATOM   963 H H   . LYS A 1 5 ? -1.713 -3.050  1.563  1.00 0.00 ? 5 LYS A H   15 
ATOM   964 H HA  . LYS A 1 5 ? 0.981  -4.028  0.944  1.00 0.00 ? 5 LYS A HA  15 
ATOM   965 H HB2 . LYS A 1 5 ? -0.709 -3.956  3.298  1.00 0.00 ? 5 LYS A HB2 15 
ATOM   966 H HB3 . LYS A 1 5 ? -0.129 -5.594  2.990  1.00 0.00 ? 5 LYS A HB3 15 
ATOM   967 H HG2 . LYS A 1 5 ? 2.126  -4.965  3.153  1.00 0.00 ? 5 LYS A HG2 15 
ATOM   968 H HG3 . LYS A 1 5 ? 1.772  -3.264  2.846  1.00 0.00 ? 5 LYS A HG3 15 
ATOM   969 H HD2 . LYS A 1 5 ? 0.455  -4.391  5.239  1.00 0.00 ? 5 LYS A HD2 15 
ATOM   970 H HD3 . LYS A 1 5 ? 2.214  -4.300  5.333  1.00 0.00 ? 5 LYS A HD3 15 
ATOM   971 H HE2 . LYS A 1 5 ? 2.137  -1.917  4.725  1.00 0.00 ? 5 LYS A HE2 15 
ATOM   972 H HE3 . LYS A 1 5 ? 0.381  -1.999  4.600  1.00 0.00 ? 5 LYS A HE3 15 
ATOM   973 H HZ1 . LYS A 1 5 ? 0.141  -1.954  6.809  1.00 0.00 ? 5 LYS A HZ1 15 
ATOM   974 H HZ2 . LYS A 1 5 ? 1.723  -1.335  6.828  1.00 0.00 ? 5 LYS A HZ2 15 
ATOM   975 H HZ3 . LYS A 1 5 ? 1.453  -2.992  7.089  1.00 0.00 ? 5 LYS A HZ3 15 
# 
